data_4V0H
#
_entry.id   4V0H
#
_cell.length_a   62.950
_cell.length_b   67.130
_cell.length_c   67.900
_cell.angle_alpha   109.31
_cell.angle_beta   105.40
_cell.angle_gamma   90.17
#
_symmetry.space_group_name_H-M   'P 1'
#
loop_
_entity.id
_entity.type
_entity.pdbx_description
1 polymer 'METALLO-BETA-LACTAMASE DOMAIN-CONTAINING PROTEIN 1 1'
2 non-polymer 'FE (III) ION'
3 non-polymer GLYCEROL
4 water water
#
_entity_poly.entity_id   1
_entity_poly.type   'polypeptide(L)'
_entity_poly.pdbx_seq_one_letter_code
;MRTEPLCGASPLLVPGDPYSVVVLLQGYAEPEGVGDAVRADGSVTLVLPQTRGPASSHRESPRGSGGAEAALEEAARGPI
LVDTGGPWAREALLGALAGQGVAPGDVTLVVGTHGHSDHIGNLGLFPGAALLVSHDFCLPGGRYLPHGLGEGQPLRLGPG
LEVWATPGHGGQRDVSVVVAGTALGTVVVAGDVFERDGDEDSWQALSEDPAAQERSRKRVLVVADVVVPGHGPPFRVLRE
ASQPETEGGGNSQQEPVVGDEEPALH
;
_entity_poly.pdbx_strand_id   A,B,C,D
#
# COMPACT_ATOMS: atom_id res chain seq x y z
N THR A 3 -21.63 -4.27 8.45
CA THR A 3 -20.66 -3.20 8.41
C THR A 3 -19.70 -3.33 7.23
N GLU A 4 -19.11 -2.21 6.84
CA GLU A 4 -18.22 -2.12 5.69
C GLU A 4 -17.14 -1.07 5.96
N PRO A 5 -15.85 -1.42 5.80
CA PRO A 5 -14.84 -0.37 5.99
C PRO A 5 -15.03 0.77 4.99
N LEU A 6 -14.71 2.00 5.42
CA LEU A 6 -14.98 3.17 4.57
C LEU A 6 -13.73 3.52 3.78
N CYS A 7 -13.75 3.18 2.50
CA CYS A 7 -12.65 3.46 1.61
C CYS A 7 -12.83 4.81 0.94
N GLY A 8 -11.77 5.28 0.31
CA GLY A 8 -11.79 6.54 -0.41
C GLY A 8 -10.43 7.20 -0.35
N ALA A 9 -10.42 8.51 -0.53
CA ALA A 9 -9.19 9.28 -0.50
C ALA A 9 -8.78 9.61 0.95
N SER A 10 -7.52 9.40 1.31
CA SER A 10 -7.00 9.76 2.65
C SER A 10 -6.42 11.18 2.61
N PRO A 11 -6.59 12.00 3.67
CA PRO A 11 -7.36 11.82 4.91
C PRO A 11 -8.82 11.62 4.58
N LEU A 12 -9.54 10.80 5.33
CA LEU A 12 -10.93 10.55 4.99
C LEU A 12 -11.77 11.76 5.33
N LEU A 13 -12.34 12.36 4.28
CA LEU A 13 -13.14 13.54 4.39
C LEU A 13 -14.59 13.22 4.13
N VAL A 14 -15.46 13.56 5.04
CA VAL A 14 -16.89 13.43 4.85
C VAL A 14 -17.47 14.84 4.80
N PRO A 15 -17.70 15.34 3.60
CA PRO A 15 -18.27 16.69 3.56
C PRO A 15 -19.68 16.69 4.14
N GLY A 16 -20.09 17.83 4.68
CA GLY A 16 -21.45 17.99 5.14
C GLY A 16 -21.77 19.44 5.34
N ASP A 17 -23.03 19.66 5.71
CA ASP A 17 -23.49 20.97 6.09
C ASP A 17 -24.54 20.78 7.19
N PRO A 18 -24.42 21.53 8.29
CA PRO A 18 -23.45 22.56 8.66
C PRO A 18 -22.04 22.06 9.06
N TYR A 19 -21.84 20.76 9.23
CA TYR A 19 -20.50 20.29 9.70
C TYR A 19 -19.91 19.24 8.79
N SER A 20 -18.63 19.43 8.46
CA SER A 20 -17.84 18.42 7.75
C SER A 20 -17.04 17.61 8.77
N VAL A 21 -16.62 16.41 8.41
CA VAL A 21 -15.83 15.55 9.30
C VAL A 21 -14.60 15.03 8.56
N VAL A 22 -13.43 15.13 9.17
CA VAL A 22 -12.20 14.64 8.58
C VAL A 22 -11.44 13.79 9.61
N VAL A 23 -11.18 12.54 9.29
CA VAL A 23 -10.37 11.69 10.14
C VAL A 23 -8.90 12.02 9.83
N LEU A 24 -8.28 12.72 10.75
CA LEU A 24 -6.92 13.24 10.58
C LEU A 24 -5.94 12.10 10.69
N LEU A 25 -6.14 11.27 11.71
CA LEU A 25 -5.27 10.13 11.96
C LEU A 25 -6.15 8.93 12.29
N GLN A 26 -5.95 7.83 11.59
CA GLN A 26 -6.73 6.62 11.86
C GLN A 26 -6.01 5.79 12.94
N GLY A 27 -6.78 5.29 13.92
CA GLY A 27 -6.20 4.56 15.02
C GLY A 27 -5.78 3.16 14.58
N TYR A 28 -4.97 2.51 15.41
CA TYR A 28 -4.52 1.16 15.10
C TYR A 28 -4.20 0.52 16.46
N ALA A 29 -4.17 -0.80 16.49
CA ALA A 29 -3.65 -1.49 17.66
C ALA A 29 -3.15 -2.83 17.17
N GLU A 30 -1.84 -2.94 17.07
CA GLU A 30 -1.21 -4.07 16.38
C GLU A 30 -0.41 -4.95 17.34
N PRO A 31 -0.76 -6.24 17.44
CA PRO A 31 0.05 -7.14 18.26
C PRO A 31 1.42 -7.38 17.62
N GLU A 32 2.28 -8.10 18.32
CA GLU A 32 3.61 -8.36 17.81
C GLU A 32 3.76 -9.83 17.54
N GLY A 33 4.86 -10.18 16.88
CA GLY A 33 5.10 -11.55 16.48
C GLY A 33 5.29 -12.50 17.65
N VAL A 34 5.83 -12.00 18.74
CA VAL A 34 6.02 -12.81 19.94
C VAL A 34 5.74 -11.94 21.16
N GLY A 35 5.21 -12.53 22.23
CA GLY A 35 4.84 -11.74 23.39
C GLY A 35 3.50 -11.05 23.25
N ASP A 36 3.14 -10.26 24.26
CA ASP A 36 1.81 -9.71 24.37
C ASP A 36 1.77 -8.17 24.32
N ALA A 37 2.83 -7.55 23.85
CA ALA A 37 2.81 -6.09 23.70
C ALA A 37 1.98 -5.70 22.52
N VAL A 38 1.47 -4.49 22.54
CA VAL A 38 0.66 -3.95 21.45
C VAL A 38 1.07 -2.54 21.18
N ARG A 39 1.32 -2.20 19.92
CA ARG A 39 1.61 -0.83 19.56
C ARG A 39 0.28 -0.25 19.16
N ALA A 40 -0.07 0.90 19.70
CA ALA A 40 -1.39 1.44 19.43
C ALA A 40 -1.41 2.94 19.48
N ASP A 41 -2.41 3.49 18.83
CA ASP A 41 -2.70 4.91 18.93
C ASP A 41 -4.14 5.12 18.55
N GLY A 42 -4.73 6.19 19.10
CA GLY A 42 -6.14 6.43 18.89
C GLY A 42 -6.44 7.29 17.67
N SER A 43 -7.63 7.12 17.12
CA SER A 43 -8.11 7.94 15.98
C SER A 43 -8.24 9.37 16.44
N VAL A 44 -8.05 10.27 15.50
CA VAL A 44 -8.22 11.71 15.73
C VAL A 44 -9.08 12.22 14.60
N THR A 45 -10.14 12.94 14.98
CA THR A 45 -11.14 13.42 14.05
C THR A 45 -11.32 14.93 14.24
N LEU A 46 -11.46 15.63 13.13
CA LEU A 46 -11.74 17.04 13.13
C LEU A 46 -13.15 17.28 12.60
N VAL A 47 -13.95 18.03 13.36
CA VAL A 47 -15.29 18.44 12.92
C VAL A 47 -15.17 19.90 12.57
N LEU A 48 -15.52 20.26 11.34
CA LEU A 48 -15.34 21.63 10.85
C LEU A 48 -16.68 22.32 10.53
N PRO A 49 -17.01 23.39 11.27
CA PRO A 49 -18.16 24.22 10.93
C PRO A 49 -17.96 24.95 9.60
N GLN A 50 -18.99 25.16 8.81
CA GLN A 50 -18.84 25.78 7.48
C GLN A 50 -18.60 27.29 7.52
N GLY A 67 -24.89 28.42 31.58
CA GLY A 67 -23.48 28.24 31.88
C GLY A 67 -22.76 27.35 30.89
N ALA A 68 -22.58 26.08 31.23
CA ALA A 68 -21.85 25.15 30.36
C ALA A 68 -22.49 25.02 28.98
N GLU A 69 -23.81 25.00 28.92
CA GLU A 69 -24.48 24.74 27.64
C GLU A 69 -24.16 25.83 26.62
N ALA A 70 -24.21 27.08 27.08
CA ALA A 70 -23.92 28.22 26.22
C ALA A 70 -22.46 28.24 25.79
N ALA A 71 -21.55 27.93 26.73
CA ALA A 71 -20.12 27.97 26.47
C ALA A 71 -19.78 26.93 25.43
N LEU A 72 -20.43 25.77 25.54
CA LEU A 72 -20.18 24.67 24.63
C LEU A 72 -20.60 25.04 23.25
N GLU A 73 -21.78 25.63 23.12
CA GLU A 73 -22.25 26.06 21.80
C GLU A 73 -21.29 27.06 21.20
N GLU A 74 -20.78 27.99 21.99
CA GLU A 74 -19.86 28.98 21.48
C GLU A 74 -18.50 28.36 21.10
N ALA A 75 -18.00 27.45 21.93
CA ALA A 75 -16.74 26.81 21.62
C ALA A 75 -16.86 25.95 20.36
N ALA A 76 -18.06 25.50 20.01
CA ALA A 76 -18.24 24.63 18.83
C ALA A 76 -18.46 25.45 17.55
N ARG A 77 -18.30 26.76 17.62
CA ARG A 77 -18.45 27.58 16.41
C ARG A 77 -17.14 27.58 15.61
N GLY A 78 -16.07 27.01 16.17
CA GLY A 78 -14.80 26.83 15.46
C GLY A 78 -14.42 25.37 15.28
N PRO A 79 -13.18 25.10 14.79
CA PRO A 79 -12.80 23.70 14.58
C PRO A 79 -12.82 22.94 15.91
N ILE A 80 -13.39 21.74 15.86
CA ILE A 80 -13.54 20.84 17.00
C ILE A 80 -12.67 19.62 16.77
N LEU A 81 -11.78 19.33 17.71
CA LEU A 81 -10.99 18.14 17.65
C LEU A 81 -11.55 17.08 18.59
N VAL A 82 -11.71 15.86 18.07
CA VAL A 82 -12.17 14.75 18.89
C VAL A 82 -11.01 13.78 19.01
N ASP A 83 -10.50 13.72 20.24
CA ASP A 83 -9.31 13.02 20.67
C ASP A 83 -8.08 13.61 20.04
N THR A 84 -6.89 13.22 20.53
CA THR A 84 -5.67 13.88 20.12
C THR A 84 -4.51 12.95 19.91
N GLY A 85 -4.70 11.65 20.10
CA GLY A 85 -3.60 10.72 19.90
C GLY A 85 -2.69 10.70 21.13
N GLY A 86 -1.71 9.81 21.15
CA GLY A 86 -0.72 9.83 22.23
C GLY A 86 0.36 10.90 22.02
N PRO A 87 1.21 11.12 23.03
CA PRO A 87 2.18 12.23 22.94
C PRO A 87 3.18 12.07 21.78
N TRP A 88 3.44 10.83 21.39
CA TRP A 88 4.39 10.55 20.30
C TRP A 88 3.86 10.99 18.93
N ALA A 89 2.56 11.31 18.87
CA ALA A 89 1.87 11.65 17.63
C ALA A 89 1.79 13.17 17.40
N ARG A 90 2.44 13.96 18.26
CA ARG A 90 2.36 15.43 18.17
C ARG A 90 2.65 15.96 16.75
N GLU A 91 3.79 15.57 16.19
CA GLU A 91 4.19 16.09 14.88
C GLU A 91 3.18 15.69 13.84
N ALA A 92 2.75 14.43 13.87
CA ALA A 92 1.77 13.93 12.88
C ALA A 92 0.47 14.66 13.03
N LEU A 93 0.07 14.95 14.27
CA LEU A 93 -1.16 15.70 14.47
C LEU A 93 -1.05 17.14 13.95
N LEU A 94 0.06 17.81 14.24
CA LEU A 94 0.26 19.19 13.77
C LEU A 94 0.26 19.27 12.26
N GLY A 95 0.92 18.31 11.62
CA GLY A 95 0.95 18.23 10.17
C GLY A 95 -0.43 17.97 9.55
N ALA A 96 -1.17 17.06 10.15
CA ALA A 96 -2.50 16.73 9.67
C ALA A 96 -3.40 17.93 9.80
N LEU A 97 -3.34 18.62 10.94
CA LEU A 97 -4.10 19.86 11.10
C LEU A 97 -3.72 20.89 10.03
N ALA A 98 -2.42 21.05 9.77
CA ALA A 98 -1.94 22.02 8.77
C ALA A 98 -2.48 21.69 7.38
N GLY A 99 -2.52 20.41 7.06
CA GLY A 99 -3.10 19.95 5.82
C GLY A 99 -4.55 20.35 5.66
N GLN A 100 -5.27 20.59 6.75
CA GLN A 100 -6.67 21.03 6.69
C GLN A 100 -6.82 22.55 6.84
N GLY A 101 -5.69 23.23 6.90
CA GLY A 101 -5.67 24.67 7.00
C GLY A 101 -5.89 25.23 8.39
N VAL A 102 -5.68 24.37 9.39
CA VAL A 102 -5.99 24.70 10.79
C VAL A 102 -4.70 24.78 11.62
N ALA A 103 -4.47 25.92 12.23
CA ALA A 103 -3.34 26.05 13.14
C ALA A 103 -3.80 25.56 14.50
N PRO A 104 -2.88 25.06 15.32
CA PRO A 104 -3.36 24.52 16.60
C PRO A 104 -4.10 25.58 17.42
N GLY A 105 -3.65 26.83 17.31
CA GLY A 105 -4.33 27.94 17.95
C GLY A 105 -5.74 28.25 17.46
N ASP A 106 -6.14 27.74 16.30
CA ASP A 106 -7.48 27.94 15.74
C ASP A 106 -8.53 27.02 16.37
N VAL A 107 -8.09 25.92 17.00
CA VAL A 107 -9.02 24.94 17.51
C VAL A 107 -9.74 25.50 18.70
N THR A 108 -11.07 25.40 18.70
CA THR A 108 -11.85 26.12 19.73
C THR A 108 -12.44 25.18 20.78
N LEU A 109 -12.50 23.91 20.43
CA LEU A 109 -13.00 22.87 21.33
C LEU A 109 -12.28 21.55 21.12
N VAL A 110 -11.79 20.95 22.21
CA VAL A 110 -11.30 19.59 22.17
C VAL A 110 -12.22 18.73 22.99
N VAL A 111 -12.61 17.62 22.39
CA VAL A 111 -13.38 16.58 23.07
C VAL A 111 -12.50 15.32 23.25
N GLY A 112 -12.31 14.91 24.49
CA GLY A 112 -11.61 13.67 24.80
C GLY A 112 -12.67 12.63 25.17
N THR A 113 -12.72 11.55 24.41
CA THR A 113 -13.80 10.58 24.59
C THR A 113 -13.65 9.86 25.91
N HIS A 114 -12.39 9.67 26.32
CA HIS A 114 -12.08 9.06 27.61
C HIS A 114 -10.62 9.34 27.94
N GLY A 115 -10.19 9.03 29.15
CA GLY A 115 -8.90 9.50 29.62
C GLY A 115 -7.71 8.58 29.42
N HIS A 116 -7.70 7.76 28.38
CA HIS A 116 -6.58 6.86 28.12
C HIS A 116 -5.48 7.62 27.37
N SER A 117 -4.23 7.21 27.57
CA SER A 117 -3.08 7.98 27.10
C SER A 117 -3.03 8.12 25.58
N ASP A 118 -3.63 7.19 24.86
CA ASP A 118 -3.55 7.24 23.40
C ASP A 118 -4.70 8.06 22.79
N HIS A 119 -5.45 8.73 23.67
CA HIS A 119 -6.55 9.61 23.26
C HIS A 119 -6.40 11.07 23.73
N ILE A 120 -5.76 11.32 24.87
CA ILE A 120 -5.63 12.66 25.41
C ILE A 120 -4.16 13.08 25.57
N GLY A 121 -3.26 12.48 24.79
CA GLY A 121 -1.85 12.78 24.80
C GLY A 121 -1.36 14.15 24.39
N ASN A 122 -2.20 14.93 23.69
CA ASN A 122 -1.77 16.20 23.15
C ASN A 122 -2.72 17.35 23.46
N LEU A 123 -3.42 17.28 24.59
CA LEU A 123 -4.25 18.38 25.04
C LEU A 123 -3.51 19.69 25.13
N GLY A 124 -2.23 19.64 25.49
CA GLY A 124 -1.43 20.82 25.76
C GLY A 124 -1.11 21.63 24.51
N LEU A 125 -1.34 21.02 23.35
CA LEU A 125 -1.19 21.75 22.09
C LEU A 125 -2.27 22.81 21.89
N PHE A 126 -3.33 22.77 22.70
CA PHE A 126 -4.52 23.59 22.42
C PHE A 126 -4.96 24.36 23.68
N PRO A 127 -4.08 25.22 24.21
CA PRO A 127 -4.42 25.91 25.46
C PRO A 127 -5.54 26.94 25.28
N GLY A 128 -5.81 27.32 24.05
CA GLY A 128 -6.89 28.26 23.73
C GLY A 128 -8.27 27.65 23.56
N ALA A 129 -8.31 26.31 23.58
CA ALA A 129 -9.56 25.57 23.37
C ALA A 129 -10.29 25.32 24.68
N ALA A 130 -11.61 25.33 24.62
CA ALA A 130 -12.43 24.74 25.68
C ALA A 130 -12.19 23.24 25.61
N LEU A 131 -12.36 22.56 26.73
CA LEU A 131 -12.09 21.13 26.84
C LEU A 131 -13.27 20.41 27.45
N LEU A 132 -13.71 19.37 26.76
CA LEU A 132 -14.64 18.40 27.32
C LEU A 132 -13.95 17.03 27.33
N VAL A 133 -13.51 16.60 28.50
CA VAL A 133 -12.80 15.30 28.60
C VAL A 133 -13.66 14.45 29.48
N SER A 134 -14.19 13.37 28.92
CA SER A 134 -15.21 12.60 29.60
C SER A 134 -16.35 13.58 29.95
N HIS A 135 -16.85 13.62 31.18
CA HIS A 135 -17.94 14.56 31.49
C HIS A 135 -17.50 15.92 32.01
N ASP A 136 -16.20 16.17 32.05
CA ASP A 136 -15.71 17.44 32.59
C ASP A 136 -15.45 18.50 31.54
N PHE A 137 -16.19 19.62 31.64
CA PHE A 137 -16.05 20.73 30.73
C PHE A 137 -15.39 21.92 31.41
N CYS A 138 -14.36 22.43 30.78
CA CYS A 138 -13.79 23.69 31.25
C CYS A 138 -13.45 24.63 30.09
N LEU A 139 -13.65 25.91 30.39
CA LEU A 139 -13.12 26.99 29.58
C LEU A 139 -11.62 26.98 29.61
N PRO A 140 -10.98 27.55 28.61
CA PRO A 140 -9.54 27.73 28.66
C PRO A 140 -9.12 28.33 30.01
N GLY A 141 -8.05 27.85 30.63
CA GLY A 141 -7.65 28.34 31.95
C GLY A 141 -8.11 27.50 33.11
N GLY A 142 -9.03 26.58 32.85
CA GLY A 142 -9.41 25.62 33.87
C GLY A 142 -10.58 26.05 34.74
N ARG A 143 -11.49 26.84 34.16
CA ARG A 143 -12.74 27.11 34.85
C ARG A 143 -13.77 26.08 34.43
N TYR A 144 -14.12 25.20 35.35
CA TYR A 144 -15.02 24.08 35.10
C TYR A 144 -16.47 24.49 35.34
N LEU A 145 -17.31 24.23 34.34
CA LEU A 145 -18.72 24.59 34.37
C LEU A 145 -19.56 23.34 34.50
N PRO A 146 -20.50 23.32 35.45
CA PRO A 146 -21.29 22.09 35.60
C PRO A 146 -22.37 21.92 34.51
N HIS A 147 -22.80 20.68 34.28
CA HIS A 147 -23.84 20.43 33.28
C HIS A 147 -24.55 19.10 33.55
N GLY A 148 -25.54 18.80 32.71
CA GLY A 148 -26.42 17.68 32.94
C GLY A 148 -26.29 16.53 31.95
N LEU A 149 -25.12 16.40 31.31
CA LEU A 149 -24.88 15.28 30.39
C LEU A 149 -25.23 13.94 31.03
N GLY A 150 -26.08 13.17 30.36
CA GLY A 150 -26.42 11.82 30.77
C GLY A 150 -26.95 11.01 29.59
N GLU A 151 -27.18 9.71 29.76
CA GLU A 151 -27.57 8.85 28.63
C GLU A 151 -28.88 9.28 27.95
N GLY A 152 -29.78 9.90 28.73
CA GLY A 152 -31.02 10.39 28.17
C GLY A 152 -31.01 11.89 27.93
N GLN A 153 -29.85 12.50 28.08
CA GLN A 153 -29.71 13.95 28.02
C GLN A 153 -28.40 14.33 27.33
N PRO A 154 -28.38 14.31 26.00
CA PRO A 154 -27.16 14.73 25.31
C PRO A 154 -26.86 16.21 25.45
N LEU A 155 -25.61 16.61 25.18
CA LEU A 155 -25.27 18.02 25.11
C LEU A 155 -25.36 18.45 23.66
N ARG A 156 -26.04 19.56 23.40
CA ARG A 156 -26.09 20.14 22.07
C ARG A 156 -24.87 21.02 21.84
N LEU A 157 -24.12 20.73 20.79
CA LEU A 157 -23.02 21.59 20.39
C LEU A 157 -23.48 22.62 19.36
N GLY A 158 -24.38 22.14 18.49
CA GLY A 158 -24.88 22.93 17.36
C GLY A 158 -25.98 22.16 16.67
N PRO A 159 -26.51 22.73 15.58
CA PRO A 159 -27.50 22.05 14.72
C PRO A 159 -27.01 20.67 14.24
N GLY A 160 -27.61 19.59 14.73
CA GLY A 160 -27.24 18.26 14.29
C GLY A 160 -25.87 17.85 14.77
N LEU A 161 -25.42 18.47 15.87
CA LEU A 161 -24.15 18.12 16.52
C LEU A 161 -24.33 18.01 18.03
N GLU A 162 -24.02 16.83 18.56
CA GLU A 162 -24.29 16.46 19.93
C GLU A 162 -23.17 15.62 20.51
N VAL A 163 -23.01 15.71 21.81
CA VAL A 163 -22.18 14.80 22.58
C VAL A 163 -23.08 13.87 23.36
N TRP A 164 -22.82 12.57 23.21
CA TRP A 164 -23.55 11.56 23.91
C TRP A 164 -22.75 10.98 25.06
N ALA A 165 -23.43 10.64 26.13
CA ALA A 165 -22.86 9.83 27.18
C ALA A 165 -22.85 8.38 26.70
N THR A 166 -21.67 7.81 26.55
CA THR A 166 -21.58 6.42 26.06
C THR A 166 -20.67 5.62 26.98
N PRO A 167 -21.17 5.28 28.17
CA PRO A 167 -20.35 4.59 29.17
C PRO A 167 -19.90 3.20 28.71
N GLY A 168 -18.87 2.67 29.36
CA GLY A 168 -18.52 1.27 29.23
C GLY A 168 -17.03 1.00 29.21
N HIS A 169 -16.38 1.42 28.13
CA HIS A 169 -14.98 1.10 27.91
C HIS A 169 -14.06 1.72 28.96
N GLY A 170 -14.12 3.04 29.08
CA GLY A 170 -13.22 3.74 29.98
C GLY A 170 -13.79 3.91 31.38
N GLY A 171 -15.05 3.53 31.56
CA GLY A 171 -15.73 3.73 32.84
C GLY A 171 -17.06 4.39 32.56
N GLN A 172 -17.66 5.00 33.57
CA GLN A 172 -19.03 5.44 33.39
C GLN A 172 -19.14 6.79 32.70
N ARG A 173 -18.01 7.46 32.45
CA ARG A 173 -18.06 8.82 31.92
C ARG A 173 -17.53 8.97 30.49
N ASP A 174 -17.34 7.87 29.75
CA ASP A 174 -16.97 8.00 28.33
C ASP A 174 -18.01 8.78 27.50
N VAL A 175 -17.55 9.57 26.52
CA VAL A 175 -18.47 10.30 25.63
C VAL A 175 -18.19 10.06 24.16
N SER A 176 -19.20 10.32 23.33
CA SER A 176 -19.09 10.18 21.88
C SER A 176 -19.65 11.44 21.26
N VAL A 177 -19.19 11.74 20.05
CA VAL A 177 -19.65 12.91 19.31
C VAL A 177 -20.48 12.45 18.11
N VAL A 178 -21.70 12.99 17.98
CA VAL A 178 -22.62 12.57 16.91
C VAL A 178 -22.84 13.72 15.94
N VAL A 179 -22.47 13.49 14.67
CA VAL A 179 -22.55 14.50 13.63
C VAL A 179 -23.57 14.14 12.55
N ALA A 180 -24.73 14.76 12.63
CA ALA A 180 -25.78 14.54 11.65
C ALA A 180 -25.62 15.42 10.41
N GLY A 181 -26.20 14.97 9.31
CA GLY A 181 -26.32 15.80 8.12
C GLY A 181 -25.08 15.91 7.26
N THR A 182 -24.22 14.91 7.28
CA THR A 182 -23.06 14.90 6.41
C THR A 182 -23.46 14.22 5.11
N ALA A 183 -22.54 14.18 4.16
CA ALA A 183 -22.82 13.61 2.85
C ALA A 183 -23.11 12.12 2.97
N LEU A 184 -22.60 11.48 4.03
CA LEU A 184 -22.80 10.04 4.20
C LEU A 184 -23.81 9.72 5.28
N GLY A 185 -24.50 10.75 5.79
CA GLY A 185 -25.49 10.55 6.83
C GLY A 185 -24.95 10.95 8.20
N THR A 186 -25.22 10.14 9.21
CA THR A 186 -24.78 10.46 10.57
C THR A 186 -23.46 9.77 10.89
N VAL A 187 -22.47 10.58 11.25
CA VAL A 187 -21.17 10.06 11.67
C VAL A 187 -21.08 10.07 13.19
N VAL A 188 -20.73 8.94 13.78
CA VAL A 188 -20.48 8.90 15.21
C VAL A 188 -18.99 8.69 15.47
N VAL A 189 -18.39 9.65 16.18
CA VAL A 189 -17.00 9.55 16.62
C VAL A 189 -17.06 8.91 18.02
N ALA A 190 -16.76 7.62 18.07
CA ALA A 190 -17.17 6.76 19.18
C ALA A 190 -16.09 6.48 20.25
N GLY A 191 -14.89 6.99 20.07
CA GLY A 191 -13.82 6.62 20.97
C GLY A 191 -13.65 5.12 20.92
N ASP A 192 -13.47 4.50 22.08
CA ASP A 192 -13.20 3.08 22.13
C ASP A 192 -14.46 2.24 22.43
N VAL A 193 -15.64 2.85 22.31
CA VAL A 193 -16.92 2.10 22.31
C VAL A 193 -16.86 1.00 21.25
N PHE A 194 -16.33 1.35 20.10
CA PHE A 194 -15.90 0.36 19.10
C PHE A 194 -14.40 0.41 18.95
N GLU A 195 -13.77 -0.73 18.98
CA GLU A 195 -12.34 -0.81 18.81
C GLU A 195 -11.95 -0.69 17.33
N ARG A 196 -12.75 -1.33 16.48
CA ARG A 196 -12.49 -1.42 15.06
C ARG A 196 -13.67 -2.16 14.44
N ASP A 197 -13.82 -2.07 13.12
CA ASP A 197 -14.77 -2.93 12.43
C ASP A 197 -14.37 -4.40 12.70
N GLY A 198 -15.34 -5.23 13.06
CA GLY A 198 -15.07 -6.63 13.33
C GLY A 198 -14.47 -6.93 14.70
N ASP A 199 -14.72 -6.05 15.67
CA ASP A 199 -14.20 -6.23 17.02
C ASP A 199 -15.13 -7.08 17.88
N GLU A 200 -16.08 -7.77 17.22
CA GLU A 200 -17.15 -8.49 17.89
C GLU A 200 -16.71 -9.33 19.09
N ASP A 201 -15.55 -9.96 18.99
CA ASP A 201 -15.10 -10.89 20.03
C ASP A 201 -13.83 -10.43 20.73
N SER A 202 -13.52 -9.13 20.67
CA SER A 202 -12.26 -8.64 21.22
C SER A 202 -12.42 -7.43 22.13
N TRP A 203 -13.54 -6.73 22.00
CA TRP A 203 -13.71 -5.48 22.74
C TRP A 203 -13.93 -5.71 24.23
N GLN A 204 -14.48 -6.87 24.58
CA GLN A 204 -14.88 -7.15 25.96
C GLN A 204 -13.71 -7.16 26.94
N ALA A 205 -12.56 -7.67 26.49
CA ALA A 205 -11.39 -7.79 27.37
C ALA A 205 -10.79 -6.43 27.71
N LEU A 206 -11.09 -5.43 26.89
CA LEU A 206 -10.55 -4.09 27.06
C LEU A 206 -11.47 -3.18 27.86
N SER A 207 -12.62 -3.72 28.26
CA SER A 207 -13.74 -2.92 28.77
C SER A 207 -13.79 -2.89 30.29
N GLU A 208 -13.98 -1.69 30.85
CA GLU A 208 -14.16 -1.54 32.30
C GLU A 208 -15.53 -2.03 32.75
N ASP A 209 -16.55 -1.86 31.90
CA ASP A 209 -17.93 -2.27 32.20
C ASP A 209 -18.65 -2.78 30.93
N PRO A 210 -18.53 -4.08 30.63
CA PRO A 210 -19.08 -4.65 29.38
C PRO A 210 -20.58 -4.51 29.19
N ALA A 211 -21.35 -4.56 30.28
CA ALA A 211 -22.80 -4.34 30.19
C ALA A 211 -23.12 -2.93 29.69
N ALA A 212 -22.49 -1.93 30.30
CA ALA A 212 -22.67 -0.55 29.87
C ALA A 212 -22.19 -0.37 28.43
N GLN A 213 -21.04 -0.94 28.11
CA GLN A 213 -20.48 -0.74 26.77
C GLN A 213 -21.37 -1.38 25.72
N GLU A 214 -21.96 -2.53 26.01
CA GLU A 214 -22.83 -3.17 25.03
C GLU A 214 -24.06 -2.29 24.77
N ARG A 215 -24.57 -1.65 25.82
CA ARG A 215 -25.69 -0.74 25.69
C ARG A 215 -25.34 0.46 24.82
N SER A 216 -24.13 0.97 25.01
CA SER A 216 -23.65 2.11 24.24
C SER A 216 -23.42 1.72 22.76
N ARG A 217 -22.87 0.53 22.53
CA ARG A 217 -22.63 0.04 21.17
C ARG A 217 -23.97 -0.06 20.40
N LYS A 218 -24.99 -0.67 21.02
CA LYS A 218 -26.30 -0.76 20.37
C LYS A 218 -26.91 0.61 20.07
N ARG A 219 -26.82 1.54 21.01
CA ARG A 219 -27.35 2.89 20.80
C ARG A 219 -26.71 3.59 19.61
N VAL A 220 -25.40 3.49 19.52
CA VAL A 220 -24.65 4.08 18.43
C VAL A 220 -25.05 3.46 17.09
N LEU A 221 -25.25 2.15 17.08
CA LEU A 221 -25.55 1.45 15.83
C LEU A 221 -26.96 1.75 15.31
N VAL A 222 -27.82 2.27 16.16
CA VAL A 222 -29.16 2.69 15.74
C VAL A 222 -29.10 3.96 14.88
N VAL A 223 -28.23 4.90 15.21
CA VAL A 223 -28.24 6.21 14.56
C VAL A 223 -27.14 6.38 13.51
N ALA A 224 -26.05 5.64 13.67
CA ALA A 224 -24.87 5.87 12.83
C ALA A 224 -24.99 5.26 11.44
N ASP A 225 -24.56 6.03 10.45
CA ASP A 225 -24.26 5.52 9.12
C ASP A 225 -22.75 5.29 8.95
N VAL A 226 -21.95 6.03 9.71
CA VAL A 226 -20.50 5.86 9.74
C VAL A 226 -20.06 5.92 11.18
N VAL A 227 -19.20 4.98 11.59
CA VAL A 227 -18.58 4.98 12.90
C VAL A 227 -17.08 5.19 12.73
N VAL A 228 -16.53 6.11 13.54
CA VAL A 228 -15.08 6.29 13.66
C VAL A 228 -14.63 5.65 14.96
N PRO A 229 -14.07 4.44 14.88
CA PRO A 229 -13.73 3.74 16.11
C PRO A 229 -12.37 4.16 16.59
N GLY A 230 -12.03 3.73 17.80
CA GLY A 230 -10.82 4.16 18.46
C GLY A 230 -9.52 3.67 17.84
N HIS A 231 -9.52 2.42 17.36
CA HIS A 231 -8.30 1.76 16.90
C HIS A 231 -8.42 1.05 15.59
N GLY A 232 -9.12 1.69 14.68
CA GLY A 232 -9.17 1.17 13.32
C GLY A 232 -9.71 2.22 12.39
N PRO A 233 -9.74 1.90 11.10
CA PRO A 233 -10.35 2.80 10.14
C PRO A 233 -11.85 2.94 10.35
N PRO A 234 -12.43 4.06 9.91
CA PRO A 234 -13.88 4.22 9.97
C PRO A 234 -14.62 3.17 9.18
N PHE A 235 -15.83 2.82 9.59
CA PHE A 235 -16.63 1.86 8.85
C PHE A 235 -18.07 2.32 8.70
N ARG A 236 -18.69 1.88 7.61
CA ARG A 236 -20.08 2.12 7.33
C ARG A 236 -20.96 1.12 8.03
N VAL A 237 -22.15 1.56 8.40
CA VAL A 237 -23.14 0.71 9.02
C VAL A 237 -24.31 0.62 8.04
N LEU A 238 -24.54 -0.56 7.47
CA LEU A 238 -25.61 -0.74 6.48
C LEU A 238 -26.88 -1.31 7.11
N ARG B 2 -6.02 -24.08 10.91
CA ARG B 2 -6.24 -22.67 10.67
C ARG B 2 -5.28 -22.18 9.59
N THR B 3 -5.55 -21.00 9.08
CA THR B 3 -4.72 -20.43 8.03
C THR B 3 -4.40 -18.97 8.31
N GLU B 4 -3.27 -18.50 7.78
CA GLU B 4 -2.81 -17.14 7.99
C GLU B 4 -2.16 -16.65 6.70
N PRO B 5 -2.41 -15.38 6.31
CA PRO B 5 -1.72 -14.84 5.13
C PRO B 5 -0.21 -14.97 5.24
N LEU B 6 0.46 -15.31 4.14
CA LEU B 6 1.91 -15.46 4.19
C LEU B 6 2.56 -14.16 3.77
N CYS B 7 3.11 -13.46 4.75
CA CYS B 7 3.74 -12.16 4.52
C CYS B 7 5.19 -12.30 4.08
N GLY B 8 5.71 -11.21 3.53
CA GLY B 8 7.11 -11.15 3.19
C GLY B 8 7.38 -10.22 2.03
N ALA B 9 8.62 -10.21 1.59
CA ALA B 9 9.01 -9.38 0.48
C ALA B 9 8.38 -9.92 -0.82
N SER B 10 7.91 -9.03 -1.69
CA SER B 10 7.37 -9.40 -3.02
C SER B 10 8.49 -9.31 -4.07
N PRO B 11 8.52 -10.22 -5.06
CA PRO B 11 7.67 -11.40 -5.17
C PRO B 11 7.96 -12.39 -4.07
N LEU B 12 6.97 -13.16 -3.65
CA LEU B 12 7.13 -14.09 -2.57
C LEU B 12 8.03 -15.22 -2.99
N LEU B 13 9.19 -15.28 -2.34
CA LEU B 13 10.19 -16.28 -2.63
C LEU B 13 10.26 -17.25 -1.45
N VAL B 14 10.10 -18.54 -1.71
CA VAL B 14 10.30 -19.55 -0.67
C VAL B 14 11.54 -20.36 -1.04
N PRO B 15 12.66 -20.05 -0.40
CA PRO B 15 13.86 -20.82 -0.78
C PRO B 15 13.73 -22.27 -0.38
N GLY B 16 14.42 -23.13 -1.09
CA GLY B 16 14.51 -24.51 -0.67
C GLY B 16 15.57 -25.25 -1.45
N ASP B 17 15.67 -26.54 -1.14
CA ASP B 17 16.67 -27.39 -1.73
C ASP B 17 16.04 -28.78 -1.77
N PRO B 18 16.00 -29.40 -2.95
CA PRO B 18 16.48 -29.01 -4.28
C PRO B 18 15.63 -27.98 -5.03
N TYR B 19 14.45 -27.63 -4.55
CA TYR B 19 13.59 -26.69 -5.33
C TYR B 19 13.19 -25.49 -4.53
N SER B 20 13.32 -24.29 -5.13
CA SER B 20 12.80 -23.06 -4.58
C SER B 20 11.48 -22.70 -5.29
N VAL B 21 10.66 -21.90 -4.65
CA VAL B 21 9.37 -21.55 -5.20
C VAL B 21 9.21 -20.05 -5.15
N VAL B 22 8.77 -19.45 -6.24
CA VAL B 22 8.54 -18.04 -6.31
C VAL B 22 7.19 -17.79 -6.92
N VAL B 23 6.35 -17.04 -6.23
CA VAL B 23 5.06 -16.68 -6.76
C VAL B 23 5.27 -15.43 -7.60
N LEU B 24 5.26 -15.59 -8.91
CA LEU B 24 5.57 -14.52 -9.84
C LEU B 24 4.46 -13.50 -9.85
N LEU B 25 3.23 -13.98 -9.92
CA LEU B 25 2.07 -13.12 -9.98
C LEU B 25 1.02 -13.66 -9.05
N GLN B 26 0.46 -12.84 -8.18
CA GLN B 26 -0.55 -13.37 -7.25
C GLN B 26 -1.92 -13.16 -7.87
N GLY B 27 -2.77 -14.18 -7.80
CA GLY B 27 -4.06 -14.09 -8.42
C GLY B 27 -5.01 -13.19 -7.62
N TYR B 28 -6.12 -12.83 -8.25
CA TYR B 28 -7.11 -11.99 -7.62
C TYR B 28 -8.45 -12.29 -8.30
N ALA B 29 -9.53 -11.89 -7.64
CA ALA B 29 -10.84 -11.93 -8.23
C ALA B 29 -11.67 -10.92 -7.50
N GLU B 30 -11.88 -9.79 -8.17
CA GLU B 30 -12.47 -8.63 -7.52
C GLU B 30 -13.85 -8.31 -8.09
N PRO B 31 -14.89 -8.36 -7.25
CA PRO B 31 -16.20 -7.90 -7.70
C PRO B 31 -16.24 -6.40 -7.91
N GLU B 32 -17.31 -5.94 -8.56
CA GLU B 32 -17.49 -4.53 -8.88
C GLU B 32 -18.54 -3.88 -7.99
N GLY B 33 -18.58 -2.55 -8.03
CA GLY B 33 -19.50 -1.76 -7.23
C GLY B 33 -20.96 -2.01 -7.54
N VAL B 34 -21.27 -2.28 -8.80
CA VAL B 34 -22.63 -2.61 -9.20
C VAL B 34 -22.57 -3.72 -10.24
N GLY B 35 -23.59 -4.57 -10.25
CA GLY B 35 -23.59 -5.70 -11.17
C GLY B 35 -22.72 -6.83 -10.70
N ASP B 36 -22.64 -7.86 -11.54
CA ASP B 36 -22.11 -9.15 -11.14
C ASP B 36 -20.83 -9.52 -11.90
N ALA B 37 -20.20 -8.55 -12.51
CA ALA B 37 -18.94 -8.84 -13.20
C ALA B 37 -17.79 -8.98 -12.22
N VAL B 38 -16.76 -9.69 -12.64
CA VAL B 38 -15.59 -9.94 -11.81
C VAL B 38 -14.34 -9.81 -12.62
N ARG B 39 -13.41 -9.00 -12.13
CA ARG B 39 -12.10 -8.85 -12.76
C ARG B 39 -11.19 -9.86 -12.07
N ALA B 40 -10.59 -10.73 -12.86
CA ALA B 40 -9.77 -11.81 -12.27
C ALA B 40 -8.56 -12.20 -13.07
N ASP B 41 -7.61 -12.84 -12.38
CA ASP B 41 -6.46 -13.45 -13.03
C ASP B 41 -5.93 -14.47 -12.06
N GLY B 42 -5.31 -15.51 -12.62
CA GLY B 42 -4.82 -16.60 -11.80
C GLY B 42 -3.38 -16.42 -11.36
N SER B 43 -3.06 -17.01 -10.23
CA SER B 43 -1.68 -16.99 -9.70
C SER B 43 -0.76 -17.71 -10.65
N VAL B 44 0.48 -17.24 -10.69
CA VAL B 44 1.53 -17.88 -11.49
C VAL B 44 2.72 -18.13 -10.59
N THR B 45 3.20 -19.36 -10.60
CA THR B 45 4.28 -19.80 -9.71
C THR B 45 5.41 -20.42 -10.51
N LEU B 46 6.63 -20.11 -10.11
CA LEU B 46 7.82 -20.65 -10.72
C LEU B 46 8.52 -21.56 -9.74
N VAL B 47 8.83 -22.78 -10.16
CA VAL B 47 9.55 -23.73 -9.29
C VAL B 47 10.93 -23.84 -9.91
N LEU B 48 11.97 -23.52 -9.15
CA LEU B 48 13.34 -23.45 -9.67
C LEU B 48 14.27 -24.53 -9.10
N PRO B 49 14.73 -25.45 -9.93
CA PRO B 49 15.77 -26.41 -9.51
C PRO B 49 17.08 -25.67 -9.15
N GLN B 50 17.84 -26.14 -8.16
CA GLN B 50 19.03 -25.39 -7.72
C GLN B 50 20.17 -25.47 -8.74
N GLY B 67 8.02 -44.02 -20.77
CA GLY B 67 7.68 -42.92 -21.65
C GLY B 67 7.43 -41.61 -20.92
N ALA B 68 6.19 -41.36 -20.52
CA ALA B 68 5.83 -40.08 -19.94
C ALA B 68 6.61 -39.79 -18.63
N GLU B 69 6.80 -40.82 -17.82
CA GLU B 69 7.44 -40.63 -16.51
C GLU B 69 8.85 -40.12 -16.68
N ALA B 70 9.60 -40.74 -17.58
CA ALA B 70 10.98 -40.32 -17.81
C ALA B 70 11.03 -38.91 -18.39
N ALA B 71 10.15 -38.62 -19.35
CA ALA B 71 10.11 -37.32 -20.00
C ALA B 71 9.81 -36.23 -18.98
N LEU B 72 8.89 -36.51 -18.09
CA LEU B 72 8.53 -35.53 -17.08
C LEU B 72 9.69 -35.22 -16.17
N GLU B 73 10.42 -36.24 -15.71
CA GLU B 73 11.55 -35.99 -14.85
C GLU B 73 12.62 -35.19 -15.58
N GLU B 74 12.78 -35.41 -16.87
CA GLU B 74 13.78 -34.68 -17.61
C GLU B 74 13.34 -33.23 -17.81
N ALA B 75 12.07 -33.04 -18.08
CA ALA B 75 11.58 -31.69 -18.31
C ALA B 75 11.58 -30.86 -17.00
N ALA B 76 11.57 -31.52 -15.85
CA ALA B 76 11.57 -30.80 -14.56
C ALA B 76 12.98 -30.44 -14.07
N ARG B 77 13.98 -30.66 -14.91
CA ARG B 77 15.35 -30.37 -14.50
C ARG B 77 15.67 -28.90 -14.78
N GLY B 78 14.73 -28.19 -15.41
CA GLY B 78 14.85 -26.74 -15.58
C GLY B 78 13.70 -26.01 -14.91
N PRO B 79 13.60 -24.68 -15.14
CA PRO B 79 12.51 -23.90 -14.55
C PRO B 79 11.13 -24.44 -14.97
N ILE B 80 10.29 -24.63 -13.97
CA ILE B 80 8.94 -25.09 -14.12
C ILE B 80 7.97 -23.96 -13.83
N LEU B 81 7.05 -23.71 -14.75
CA LEU B 81 6.02 -22.73 -14.54
C LEU B 81 4.72 -23.42 -14.23
N VAL B 82 4.07 -23.01 -13.15
CA VAL B 82 2.74 -23.54 -12.81
C VAL B 82 1.73 -22.44 -13.03
N ASP B 83 0.88 -22.66 -14.04
CA ASP B 83 -0.09 -21.73 -14.59
C ASP B 83 0.56 -20.49 -15.22
N THR B 84 -0.19 -19.76 -16.06
CA THR B 84 0.45 -18.71 -16.87
C THR B 84 -0.31 -17.41 -16.91
N GLY B 85 -1.44 -17.35 -16.21
CA GLY B 85 -2.25 -16.14 -16.21
C GLY B 85 -3.10 -16.06 -17.47
N GLY B 86 -3.92 -15.04 -17.56
CA GLY B 86 -4.66 -14.79 -18.79
C GLY B 86 -3.81 -14.10 -19.87
N PRO B 87 -4.35 -14.00 -21.09
CA PRO B 87 -3.57 -13.45 -22.23
C PRO B 87 -3.14 -12.01 -22.00
N TRP B 88 -3.93 -11.29 -21.23
CA TRP B 88 -3.65 -9.88 -20.93
C TRP B 88 -2.46 -9.71 -20.01
N ALA B 89 -2.03 -10.81 -19.38
CA ALA B 89 -0.97 -10.83 -18.38
C ALA B 89 0.40 -11.08 -19.00
N ARG B 90 0.46 -11.16 -20.34
CA ARG B 90 1.68 -11.53 -21.04
C ARG B 90 2.89 -10.70 -20.62
N GLU B 91 2.74 -9.39 -20.66
CA GLU B 91 3.90 -8.52 -20.40
C GLU B 91 4.33 -8.61 -18.94
N ALA B 92 3.36 -8.67 -18.04
CA ALA B 92 3.66 -8.81 -16.60
C ALA B 92 4.32 -10.15 -16.34
N LEU B 93 3.91 -11.18 -17.06
CA LEU B 93 4.57 -12.49 -16.86
C LEU B 93 6.03 -12.50 -17.36
N LEU B 94 6.28 -11.94 -18.54
CA LEU B 94 7.64 -11.86 -19.06
C LEU B 94 8.55 -11.04 -18.14
N GLY B 95 8.02 -9.96 -17.60
CA GLY B 95 8.76 -9.10 -16.68
C GLY B 95 9.11 -9.81 -15.36
N ALA B 96 8.14 -10.52 -14.81
CA ALA B 96 8.33 -11.30 -13.60
C ALA B 96 9.34 -12.37 -13.84
N LEU B 97 9.27 -13.06 -14.99
CA LEU B 97 10.28 -14.08 -15.30
C LEU B 97 11.67 -13.46 -15.40
N ALA B 98 11.75 -12.32 -16.06
CA ALA B 98 13.03 -11.64 -16.23
C ALA B 98 13.63 -11.26 -14.86
N GLY B 99 12.79 -10.77 -13.96
CA GLY B 99 13.16 -10.51 -12.60
C GLY B 99 13.83 -11.68 -11.92
N GLN B 100 13.47 -12.92 -12.28
CA GLN B 100 14.08 -14.11 -11.72
C GLN B 100 15.24 -14.66 -12.54
N GLY B 101 15.65 -13.92 -13.56
CA GLY B 101 16.73 -14.31 -14.46
C GLY B 101 16.39 -15.38 -15.48
N VAL B 102 15.10 -15.54 -15.73
CA VAL B 102 14.60 -16.60 -16.61
C VAL B 102 14.04 -16.02 -17.91
N ALA B 103 14.56 -16.48 -19.04
CA ALA B 103 14.00 -16.13 -20.34
C ALA B 103 12.88 -17.12 -20.63
N PRO B 104 11.87 -16.70 -21.43
CA PRO B 104 10.79 -17.67 -21.64
C PRO B 104 11.29 -18.95 -22.31
N GLY B 105 12.32 -18.82 -23.15
CA GLY B 105 12.92 -19.97 -23.82
C GLY B 105 13.61 -20.94 -22.86
N ASP B 106 13.92 -20.47 -21.66
CA ASP B 106 14.57 -21.29 -20.61
C ASP B 106 13.62 -22.25 -19.89
N VAL B 107 12.32 -21.99 -19.95
CA VAL B 107 11.35 -22.75 -19.19
C VAL B 107 11.22 -24.11 -19.80
N THR B 108 11.31 -25.17 -18.99
CA THR B 108 11.39 -26.52 -19.56
C THR B 108 10.10 -27.34 -19.39
N LEU B 109 9.26 -26.90 -18.47
CA LEU B 109 7.97 -27.51 -18.21
C LEU B 109 6.96 -26.47 -17.78
N VAL B 110 5.77 -26.54 -18.37
CA VAL B 110 4.64 -25.75 -17.91
C VAL B 110 3.60 -26.69 -17.44
N VAL B 111 3.10 -26.43 -16.24
CA VAL B 111 1.98 -27.18 -15.68
C VAL B 111 0.73 -26.29 -15.64
N GLY B 112 -0.33 -26.74 -16.29
CA GLY B 112 -1.60 -26.02 -16.26
C GLY B 112 -2.50 -26.77 -15.32
N THR B 113 -2.91 -26.15 -14.20
CA THR B 113 -3.66 -26.87 -13.20
C THR B 113 -5.06 -27.27 -13.73
N HIS B 114 -5.63 -26.40 -14.56
CA HIS B 114 -6.90 -26.73 -15.23
C HIS B 114 -7.04 -25.77 -16.40
N GLY B 115 -8.05 -25.98 -17.23
CA GLY B 115 -8.08 -25.33 -18.52
C GLY B 115 -8.83 -24.01 -18.61
N HIS B 116 -8.95 -23.27 -17.52
CA HIS B 116 -9.66 -21.97 -17.54
C HIS B 116 -8.74 -20.86 -18.14
N SER B 117 -9.37 -19.87 -18.78
CA SER B 117 -8.63 -18.90 -19.56
C SER B 117 -7.66 -18.07 -18.71
N ASP B 118 -7.94 -17.93 -17.40
CA ASP B 118 -7.05 -17.11 -16.57
C ASP B 118 -5.92 -17.90 -15.94
N HIS B 119 -5.79 -19.15 -16.37
CA HIS B 119 -4.70 -20.03 -15.95
C HIS B 119 -3.81 -20.53 -17.10
N ILE B 120 -4.36 -20.70 -18.30
CA ILE B 120 -3.58 -21.20 -19.42
C ILE B 120 -3.54 -20.20 -20.61
N GLY B 121 -3.71 -18.91 -20.33
CA GLY B 121 -3.66 -17.89 -21.35
C GLY B 121 -2.35 -17.60 -22.09
N ASN B 122 -1.21 -18.01 -21.54
CA ASN B 122 0.09 -17.73 -22.17
C ASN B 122 0.96 -18.96 -22.42
N LEU B 123 0.31 -20.09 -22.70
CA LEU B 123 1.03 -21.30 -23.08
C LEU B 123 1.92 -21.09 -24.29
N GLY B 124 1.49 -20.22 -25.20
CA GLY B 124 2.19 -19.98 -26.47
C GLY B 124 3.53 -19.28 -26.30
N LEU B 125 3.77 -18.74 -25.12
CA LEU B 125 5.07 -18.12 -24.84
C LEU B 125 6.23 -19.13 -24.68
N PHE B 126 5.88 -20.40 -24.56
CA PHE B 126 6.87 -21.44 -24.12
C PHE B 126 6.85 -22.63 -25.04
N PRO B 127 7.05 -22.39 -26.34
CA PRO B 127 6.95 -23.51 -27.29
C PRO B 127 8.03 -24.59 -27.10
N GLY B 128 9.09 -24.27 -26.38
CA GLY B 128 10.15 -25.23 -26.09
C GLY B 128 9.96 -26.06 -24.81
N ALA B 129 8.89 -25.78 -24.08
CA ALA B 129 8.56 -26.48 -22.85
C ALA B 129 7.67 -27.67 -23.12
N ALA B 130 7.93 -28.76 -22.40
CA ALA B 130 6.92 -29.80 -22.23
C ALA B 130 5.73 -29.23 -21.46
N LEU B 131 4.56 -29.82 -21.67
CA LEU B 131 3.32 -29.26 -21.19
C LEU B 131 2.54 -30.33 -20.51
N LEU B 132 2.17 -30.08 -19.26
CA LEU B 132 1.21 -30.91 -18.57
C LEU B 132 0.01 -30.04 -18.22
N VAL B 133 -1.05 -30.16 -19.00
CA VAL B 133 -2.27 -29.37 -18.77
C VAL B 133 -3.38 -30.33 -18.36
N SER B 134 -3.89 -30.17 -17.14
CA SER B 134 -4.72 -31.20 -16.55
C SER B 134 -3.96 -32.56 -16.64
N HIS B 135 -4.57 -33.62 -17.12
CA HIS B 135 -3.90 -34.92 -17.19
C HIS B 135 -3.13 -35.15 -18.49
N ASP B 136 -3.18 -34.20 -19.42
CA ASP B 136 -2.50 -34.38 -20.72
C ASP B 136 -1.08 -33.89 -20.77
N PHE B 137 -0.14 -34.82 -21.00
CA PHE B 137 1.27 -34.49 -21.10
C PHE B 137 1.80 -34.57 -22.54
N CYS B 138 2.43 -33.52 -23.05
CA CYS B 138 3.07 -33.64 -24.34
C CYS B 138 4.42 -33.00 -24.34
N LEU B 139 5.32 -33.65 -25.06
CA LEU B 139 6.60 -33.05 -25.41
C LEU B 139 6.39 -31.85 -26.32
N PRO B 140 7.37 -30.95 -26.36
CA PRO B 140 7.27 -29.84 -27.30
C PRO B 140 6.93 -30.34 -28.71
N GLY B 141 5.99 -29.72 -29.41
CA GLY B 141 5.60 -30.20 -30.74
C GLY B 141 4.31 -30.98 -30.75
N GLY B 142 3.82 -31.34 -29.57
CA GLY B 142 2.53 -32.01 -29.49
C GLY B 142 2.54 -33.52 -29.58
N ARG B 143 3.62 -34.12 -29.14
CA ARG B 143 3.66 -35.58 -28.98
C ARG B 143 3.18 -35.91 -27.57
N TYR B 144 1.97 -36.45 -27.47
CA TYR B 144 1.36 -36.78 -26.20
C TYR B 144 1.76 -38.17 -25.75
N LEU B 145 2.16 -38.26 -24.49
CA LEU B 145 2.67 -39.51 -23.92
C LEU B 145 1.74 -39.96 -22.81
N PRO B 146 1.28 -41.21 -22.85
CA PRO B 146 0.32 -41.62 -21.80
C PRO B 146 0.96 -41.88 -20.42
N HIS B 147 0.19 -41.75 -19.35
CA HIS B 147 0.74 -42.03 -18.02
C HIS B 147 -0.39 -42.47 -17.09
N GLY B 148 -0.05 -42.75 -15.84
CA GLY B 148 -1.01 -43.31 -14.91
C GLY B 148 -1.40 -42.39 -13.76
N LEU B 149 -1.33 -41.08 -13.98
CA LEU B 149 -1.74 -40.14 -12.95
C LEU B 149 -3.15 -40.44 -12.44
N GLY B 150 -3.29 -40.50 -11.12
CA GLY B 150 -4.57 -40.67 -10.48
C GLY B 150 -4.49 -40.22 -9.02
N GLU B 151 -5.61 -40.21 -8.31
CA GLU B 151 -5.62 -39.70 -6.92
C GLU B 151 -4.71 -40.54 -6.01
N GLY B 152 -4.50 -41.80 -6.37
CA GLY B 152 -3.64 -42.68 -5.61
C GLY B 152 -2.28 -42.93 -6.25
N GLN B 153 -1.97 -42.18 -7.30
CA GLN B 153 -0.75 -42.40 -8.07
C GLN B 153 -0.24 -41.06 -8.57
N PRO B 154 0.49 -40.30 -7.74
CA PRO B 154 1.06 -39.03 -8.20
C PRO B 154 2.14 -39.24 -9.25
N LEU B 155 2.42 -38.19 -10.01
CA LEU B 155 3.54 -38.19 -10.94
C LEU B 155 4.74 -37.59 -10.27
N ARG B 156 5.87 -38.29 -10.32
CA ARG B 156 7.09 -37.79 -9.69
C ARG B 156 7.85 -36.94 -10.66
N LEU B 157 8.11 -35.70 -10.28
CA LEU B 157 8.88 -34.79 -11.15
C LEU B 157 10.36 -34.82 -10.78
N GLY B 158 10.62 -34.97 -9.49
CA GLY B 158 11.97 -34.97 -8.96
C GLY B 158 11.93 -35.28 -7.47
N PRO B 159 13.10 -35.27 -6.80
CA PRO B 159 13.05 -35.52 -5.35
C PRO B 159 12.21 -34.47 -4.60
N GLY B 160 11.14 -34.95 -3.97
CA GLY B 160 10.27 -34.07 -3.21
C GLY B 160 9.43 -33.16 -4.08
N LEU B 161 9.19 -33.57 -5.33
CA LEU B 161 8.37 -32.79 -6.25
C LEU B 161 7.47 -33.72 -7.04
N GLU B 162 6.17 -33.48 -6.94
CA GLU B 162 5.11 -34.33 -7.43
C GLU B 162 3.97 -33.52 -7.98
N VAL B 163 3.29 -34.10 -8.97
CA VAL B 163 2.01 -33.61 -9.43
C VAL B 163 0.92 -34.52 -8.89
N TRP B 164 -0.04 -33.91 -8.23
CA TRP B 164 -1.21 -34.63 -7.72
C TRP B 164 -2.43 -34.42 -8.59
N ALA B 165 -3.24 -35.46 -8.70
CA ALA B 165 -4.58 -35.35 -9.24
C ALA B 165 -5.49 -34.75 -8.17
N THR B 166 -6.01 -33.57 -8.40
CA THR B 166 -6.87 -32.91 -7.41
C THR B 166 -8.19 -32.46 -8.08
N PRO B 167 -9.07 -33.41 -8.35
CA PRO B 167 -10.32 -33.11 -9.06
C PRO B 167 -11.25 -32.17 -8.30
N GLY B 168 -12.14 -31.52 -9.02
CA GLY B 168 -13.30 -30.89 -8.42
C GLY B 168 -13.67 -29.60 -9.12
N HIS B 169 -12.78 -28.62 -9.03
CA HIS B 169 -13.09 -27.28 -9.50
C HIS B 169 -13.33 -27.22 -10.99
N GLY B 170 -12.32 -27.64 -11.74
CA GLY B 170 -12.37 -27.57 -13.19
C GLY B 170 -13.02 -28.80 -13.78
N GLY B 171 -13.16 -29.82 -12.95
CA GLY B 171 -13.67 -31.10 -13.42
C GLY B 171 -12.77 -32.19 -12.88
N GLN B 172 -12.84 -33.37 -13.47
CA GLN B 172 -12.22 -34.51 -12.86
C GLN B 172 -10.71 -34.54 -13.09
N ARG B 173 -10.19 -33.67 -13.95
CA ARG B 173 -8.79 -33.80 -14.32
C ARG B 173 -7.90 -32.66 -13.83
N ASP B 174 -8.37 -31.80 -12.91
CA ASP B 174 -7.48 -30.77 -12.35
C ASP B 174 -6.25 -31.37 -11.64
N VAL B 175 -5.13 -30.66 -11.70
CA VAL B 175 -3.91 -31.12 -11.01
C VAL B 175 -3.29 -30.04 -10.11
N SER B 176 -2.48 -30.48 -9.15
CA SER B 176 -1.75 -29.59 -8.25
C SER B 176 -0.30 -30.02 -8.20
N VAL B 177 0.59 -29.07 -7.91
CA VAL B 177 2.02 -29.35 -7.80
C VAL B 177 2.43 -29.27 -6.31
N VAL B 178 3.11 -30.30 -5.82
CA VAL B 178 3.50 -30.37 -4.43
C VAL B 178 5.01 -30.32 -4.31
N VAL B 179 5.51 -29.30 -3.60
CA VAL B 179 6.95 -29.03 -3.46
C VAL B 179 7.39 -29.23 -2.01
N ALA B 180 8.02 -30.35 -1.74
CA ALA B 180 8.52 -30.65 -0.41
C ALA B 180 9.92 -30.03 -0.18
N GLY B 181 10.24 -29.76 1.08
CA GLY B 181 11.60 -29.46 1.46
C GLY B 181 12.06 -28.03 1.25
N THR B 182 11.11 -27.11 1.23
CA THR B 182 11.42 -25.69 1.14
C THR B 182 11.69 -25.17 2.53
N ALA B 183 12.09 -23.91 2.60
CA ALA B 183 12.40 -23.32 3.89
C ALA B 183 11.16 -23.23 4.77
N LEU B 184 9.97 -23.27 4.17
CA LEU B 184 8.72 -23.19 4.95
C LEU B 184 7.97 -24.52 4.98
N GLY B 185 8.60 -25.58 4.53
CA GLY B 185 7.99 -26.90 4.58
C GLY B 185 7.46 -27.23 3.20
N THR B 186 6.27 -27.85 3.13
CA THR B 186 5.69 -28.25 1.83
C THR B 186 4.80 -27.17 1.26
N VAL B 187 5.08 -26.78 0.02
CA VAL B 187 4.25 -25.81 -0.67
C VAL B 187 3.41 -26.55 -1.68
N VAL B 188 2.10 -26.28 -1.66
CA VAL B 188 1.22 -26.84 -2.68
C VAL B 188 0.69 -25.71 -3.57
N VAL B 189 0.95 -25.83 -4.87
CA VAL B 189 0.41 -24.90 -5.86
C VAL B 189 -0.89 -25.56 -6.34
N ALA B 190 -2.02 -25.03 -5.87
CA ALA B 190 -3.29 -25.77 -5.88
C ALA B 190 -4.27 -25.38 -6.98
N GLY B 191 -3.91 -24.42 -7.81
CA GLY B 191 -4.85 -23.94 -8.82
C GLY B 191 -6.05 -23.38 -8.06
N ASP B 192 -7.25 -23.71 -8.52
CA ASP B 192 -8.44 -23.17 -7.93
C ASP B 192 -9.08 -24.17 -6.98
N VAL B 193 -8.33 -25.21 -6.57
CA VAL B 193 -8.82 -26.07 -5.49
C VAL B 193 -9.14 -25.21 -4.28
N PHE B 194 -8.28 -24.22 -4.04
CA PHE B 194 -8.58 -23.10 -3.13
C PHE B 194 -8.63 -21.81 -3.94
N GLU B 195 -9.70 -21.05 -3.78
CA GLU B 195 -9.86 -19.72 -4.35
C GLU B 195 -8.89 -18.71 -3.73
N ARG B 196 -8.85 -18.74 -2.40
CA ARG B 196 -8.09 -17.81 -1.60
C ARG B 196 -8.22 -18.20 -0.14
N ASP B 197 -7.36 -17.64 0.69
CA ASP B 197 -7.52 -17.77 2.14
C ASP B 197 -8.90 -17.20 2.49
N GLY B 198 -9.70 -17.94 3.27
CA GLY B 198 -11.03 -17.49 3.67
C GLY B 198 -12.15 -17.69 2.66
N ASP B 199 -11.99 -18.66 1.76
CA ASP B 199 -12.97 -18.92 0.72
C ASP B 199 -14.04 -19.92 1.16
N GLU B 200 -14.02 -20.26 2.46
CA GLU B 200 -14.88 -21.32 3.02
C GLU B 200 -16.31 -21.36 2.48
N ASP B 201 -16.88 -20.20 2.19
CA ASP B 201 -18.27 -20.11 1.75
C ASP B 201 -18.44 -19.51 0.36
N SER B 202 -17.37 -19.50 -0.44
CA SER B 202 -17.44 -18.91 -1.77
C SER B 202 -17.05 -19.89 -2.88
N TRP B 203 -16.27 -20.90 -2.53
CA TRP B 203 -15.67 -21.72 -3.59
C TRP B 203 -16.71 -22.63 -4.26
N GLN B 204 -17.76 -23.00 -3.53
CA GLN B 204 -18.70 -24.02 -4.02
C GLN B 204 -19.43 -23.60 -5.30
N ALA B 205 -19.80 -22.33 -5.40
CA ALA B 205 -20.56 -21.82 -6.55
C ALA B 205 -19.73 -21.85 -7.82
N LEU B 206 -18.41 -21.91 -7.65
CA LEU B 206 -17.47 -21.87 -8.76
C LEU B 206 -17.02 -23.25 -9.21
N SER B 207 -17.53 -24.28 -8.55
CA SER B 207 -17.05 -25.68 -8.67
C SER B 207 -17.90 -26.54 -9.60
N GLU B 208 -17.27 -27.32 -10.48
CA GLU B 208 -17.99 -28.28 -11.29
C GLU B 208 -18.48 -29.47 -10.46
N ASP B 209 -17.67 -29.89 -9.49
CA ASP B 209 -17.97 -31.06 -8.62
C ASP B 209 -17.55 -30.79 -7.18
N PRO B 210 -18.45 -30.15 -6.39
CA PRO B 210 -18.10 -29.76 -5.02
C PRO B 210 -17.71 -30.93 -4.12
N ALA B 211 -18.29 -32.12 -4.32
CA ALA B 211 -17.92 -33.27 -3.50
C ALA B 211 -16.45 -33.64 -3.73
N ALA B 212 -16.04 -33.71 -5.00
CA ALA B 212 -14.65 -34.05 -5.32
C ALA B 212 -13.72 -32.94 -4.87
N GLN B 213 -14.15 -31.69 -5.06
CA GLN B 213 -13.28 -30.57 -4.68
C GLN B 213 -13.04 -30.60 -3.17
N GLU B 214 -14.05 -30.94 -2.37
CA GLU B 214 -13.89 -30.99 -0.92
C GLU B 214 -12.87 -32.08 -0.53
N ARG B 215 -12.91 -33.21 -1.22
CA ARG B 215 -11.94 -34.26 -0.96
C ARG B 215 -10.53 -33.77 -1.28
N SER B 216 -10.40 -33.04 -2.39
CA SER B 216 -9.10 -32.52 -2.81
C SER B 216 -8.59 -31.48 -1.82
N ARG B 217 -9.48 -30.61 -1.35
CA ARG B 217 -9.10 -29.60 -0.35
C ARG B 217 -8.60 -30.27 0.94
N LYS B 218 -9.31 -31.28 1.44
CA LYS B 218 -8.86 -32.01 2.62
C LYS B 218 -7.47 -32.63 2.42
N ARG B 219 -7.25 -33.23 1.25
CA ARG B 219 -5.97 -33.87 0.91
C ARG B 219 -4.82 -32.88 0.95
N VAL B 220 -5.05 -31.72 0.38
CA VAL B 220 -4.03 -30.67 0.33
C VAL B 220 -3.74 -30.14 1.74
N LEU B 221 -4.78 -30.00 2.56
CA LEU B 221 -4.59 -29.41 3.87
C LEU B 221 -3.86 -30.36 4.81
N VAL B 222 -3.83 -31.64 4.47
CA VAL B 222 -3.13 -32.62 5.28
C VAL B 222 -1.61 -32.48 5.11
N VAL B 223 -1.16 -32.16 3.90
CA VAL B 223 0.28 -32.12 3.62
C VAL B 223 0.87 -30.71 3.58
N ALA B 224 0.04 -29.73 3.26
CA ALA B 224 0.61 -28.40 3.01
C ALA B 224 0.95 -27.59 4.26
N ASP B 225 2.09 -26.93 4.19
CA ASP B 225 2.43 -25.82 5.09
C ASP B 225 2.11 -24.47 4.46
N VAL B 226 2.21 -24.38 3.13
CA VAL B 226 1.87 -23.15 2.41
C VAL B 226 1.02 -23.57 1.23
N VAL B 227 -0.06 -22.82 0.97
CA VAL B 227 -0.86 -23.03 -0.23
C VAL B 227 -0.80 -21.81 -1.09
N VAL B 228 -0.62 -22.03 -2.40
CA VAL B 228 -0.74 -20.97 -3.40
C VAL B 228 -2.05 -21.19 -4.11
N PRO B 229 -3.08 -20.39 -3.75
CA PRO B 229 -4.39 -20.59 -4.30
C PRO B 229 -4.49 -19.85 -5.61
N GLY B 230 -5.54 -20.12 -6.36
CA GLY B 230 -5.67 -19.57 -7.69
C GLY B 230 -5.96 -18.09 -7.78
N HIS B 231 -6.69 -17.54 -6.81
CA HIS B 231 -7.16 -16.14 -6.87
C HIS B 231 -6.97 -15.36 -5.60
N GLY B 232 -5.80 -15.53 -5.01
CA GLY B 232 -5.44 -14.74 -3.87
C GLY B 232 -3.99 -14.98 -3.49
N PRO B 233 -3.51 -14.24 -2.49
CA PRO B 233 -2.14 -14.43 -2.02
C PRO B 233 -1.95 -15.81 -1.39
N PRO B 234 -0.70 -16.29 -1.34
CA PRO B 234 -0.39 -17.56 -0.68
C PRO B 234 -0.72 -17.47 0.81
N PHE B 235 -1.03 -18.59 1.43
CA PHE B 235 -1.31 -18.58 2.86
C PHE B 235 -0.64 -19.76 3.54
N ARG B 236 -0.36 -19.60 4.83
CA ARG B 236 0.17 -20.66 5.67
C ARG B 236 -0.96 -21.51 6.23
N VAL B 237 -0.70 -22.79 6.40
CA VAL B 237 -1.65 -23.73 7.03
C VAL B 237 -1.04 -24.15 8.36
N LEU B 238 -1.73 -23.85 9.47
CA LEU B 238 -1.25 -24.20 10.81
C LEU B 238 -2.04 -25.37 11.39
N ARG C 2 -0.51 10.26 -40.18
CA ARG C 2 -1.91 10.14 -40.57
C ARG C 2 -2.76 9.73 -39.37
N THR C 3 -4.07 9.64 -39.60
CA THR C 3 -4.99 9.18 -38.56
C THR C 3 -6.06 8.27 -39.15
N GLU C 4 -6.58 7.37 -38.31
CA GLU C 4 -7.61 6.44 -38.73
C GLU C 4 -8.59 6.22 -37.57
N PRO C 5 -9.90 6.13 -37.87
CA PRO C 5 -10.87 5.86 -36.80
C PRO C 5 -10.54 4.57 -36.06
N LEU C 6 -10.84 4.51 -34.77
CA LEU C 6 -10.49 3.33 -33.99
C LEU C 6 -11.67 2.40 -33.96
N CYS C 7 -11.53 1.25 -34.61
CA CYS C 7 -12.61 0.28 -34.73
C CYS C 7 -12.54 -0.72 -33.58
N GLY C 8 -13.65 -1.43 -33.39
CA GLY C 8 -13.74 -2.45 -32.36
C GLY C 8 -15.10 -2.46 -31.68
N ALA C 9 -15.22 -3.29 -30.65
CA ALA C 9 -16.47 -3.48 -29.93
C ALA C 9 -16.83 -2.24 -29.11
N SER C 10 -18.11 -1.85 -29.09
CA SER C 10 -18.59 -0.73 -28.22
C SER C 10 -19.09 -1.28 -26.88
N PRO C 11 -18.93 -0.52 -25.76
CA PRO C 11 -18.13 0.70 -25.70
C PRO C 11 -16.68 0.39 -25.94
N LEU C 12 -15.95 1.36 -26.46
CA LEU C 12 -14.57 1.18 -26.78
C LEU C 12 -13.76 1.05 -25.51
N LEU C 13 -13.13 -0.11 -25.37
CA LEU C 13 -12.35 -0.44 -24.20
C LEU C 13 -10.91 -0.61 -24.64
N VAL C 14 -10.03 0.16 -24.02
CA VAL C 14 -8.59 0.01 -24.21
C VAL C 14 -7.98 -0.54 -22.91
N PRO C 15 -7.71 -1.83 -22.88
CA PRO C 15 -7.21 -2.31 -21.59
C PRO C 15 -5.80 -1.78 -21.37
N GLY C 16 -5.39 -1.71 -20.12
CA GLY C 16 -4.00 -1.44 -19.84
C GLY C 16 -3.64 -1.69 -18.40
N ASP C 17 -2.40 -1.37 -18.10
CA ASP C 17 -1.81 -1.65 -16.82
C ASP C 17 -0.82 -0.51 -16.57
N PRO C 18 -0.99 0.23 -15.48
CA PRO C 18 -2.02 0.13 -14.43
C PRO C 18 -3.38 0.76 -14.74
N TYR C 19 -3.54 1.43 -15.88
CA TYR C 19 -4.85 2.07 -16.16
C TYR C 19 -5.47 1.58 -17.45
N SER C 20 -6.75 1.25 -17.38
CA SER C 20 -7.57 0.96 -18.57
C SER C 20 -8.39 2.20 -18.92
N VAL C 21 -8.82 2.30 -20.17
CA VAL C 21 -9.57 3.46 -20.64
C VAL C 21 -10.82 2.96 -21.37
N VAL C 22 -11.98 3.51 -21.04
CA VAL C 22 -13.23 3.14 -21.67
C VAL C 22 -13.95 4.40 -22.10
N VAL C 23 -14.25 4.51 -23.39
CA VAL C 23 -15.05 5.62 -23.88
C VAL C 23 -16.53 5.29 -23.66
N LEU C 24 -17.12 5.94 -22.66
CA LEU C 24 -18.46 5.59 -22.19
C LEU C 24 -19.47 6.10 -23.19
N LEU C 25 -19.24 7.32 -23.64
CA LEU C 25 -20.12 7.98 -24.61
C LEU C 25 -19.29 8.69 -25.65
N GLN C 26 -19.54 8.44 -26.93
CA GLN C 26 -18.75 9.11 -27.97
C GLN C 26 -19.44 10.42 -28.34
N GLY C 27 -18.68 11.50 -28.43
CA GLY C 27 -19.27 12.78 -28.72
C GLY C 27 -19.65 12.90 -30.20
N TYR C 28 -20.43 13.94 -30.49
CA TYR C 28 -20.89 14.15 -31.86
C TYR C 28 -21.22 15.64 -31.95
N ALA C 29 -21.30 16.14 -33.18
CA ALA C 29 -21.79 17.48 -33.42
C ALA C 29 -22.33 17.44 -34.84
N GLU C 30 -23.65 17.40 -34.92
CA GLU C 30 -24.37 17.16 -36.18
C GLU C 30 -25.11 18.41 -36.68
N PRO C 31 -24.69 18.93 -37.84
CA PRO C 31 -25.47 20.03 -38.42
C PRO C 31 -26.84 19.55 -38.90
N GLU C 32 -27.71 20.48 -39.25
CA GLU C 32 -29.08 20.18 -39.63
C GLU C 32 -29.27 20.40 -41.12
N GLY C 33 -30.40 19.93 -41.64
CA GLY C 33 -30.71 19.99 -43.06
C GLY C 33 -30.87 21.41 -43.57
N VAL C 34 -31.32 22.30 -42.70
CA VAL C 34 -31.43 23.71 -43.03
C VAL C 34 -31.11 24.56 -41.80
N GLY C 35 -30.51 25.73 -42.00
CA GLY C 35 -30.19 26.57 -40.86
C GLY C 35 -28.88 26.16 -40.23
N ASP C 36 -28.52 26.86 -39.16
CA ASP C 36 -27.15 26.80 -38.66
C ASP C 36 -27.10 26.18 -37.28
N ALA C 37 -28.17 25.52 -36.88
CA ALA C 37 -28.13 24.87 -35.57
C ALA C 37 -27.34 23.59 -35.60
N VAL C 38 -26.82 23.19 -34.45
CA VAL C 38 -26.04 21.97 -34.31
C VAL C 38 -26.43 21.21 -33.07
N ARG C 39 -26.67 19.91 -33.21
CA ARG C 39 -26.97 19.06 -32.11
C ARG C 39 -25.64 18.45 -31.70
N ALA C 40 -25.29 18.58 -30.44
CA ALA C 40 -24.02 18.07 -30.00
C ALA C 40 -24.00 17.58 -28.56
N ASP C 41 -22.97 16.81 -28.30
CA ASP C 41 -22.68 16.38 -26.95
C ASP C 41 -21.24 15.93 -26.93
N GLY C 42 -20.62 16.07 -25.75
CA GLY C 42 -19.20 15.77 -25.61
C GLY C 42 -18.90 14.31 -25.26
N SER C 43 -17.73 13.84 -25.68
CA SER C 43 -17.26 12.51 -25.28
C SER C 43 -17.08 12.43 -23.79
N VAL C 44 -17.38 11.26 -23.24
CA VAL C 44 -17.13 10.95 -21.82
C VAL C 44 -16.27 9.69 -21.75
N THR C 45 -15.17 9.79 -21.00
CA THR C 45 -14.18 8.74 -20.89
C THR C 45 -13.99 8.38 -19.42
N LEU C 46 -13.83 7.09 -19.19
CA LEU C 46 -13.57 6.56 -17.85
C LEU C 46 -12.19 5.95 -17.83
N VAL C 47 -11.39 6.34 -16.85
CA VAL C 47 -10.04 5.80 -16.65
C VAL C 47 -10.13 4.96 -15.42
N LEU C 48 -9.80 3.69 -15.56
CA LEU C 48 -9.94 2.75 -14.43
C LEU C 48 -8.60 2.20 -13.92
N PRO C 49 -8.26 2.47 -12.65
CA PRO C 49 -7.10 1.83 -12.01
C PRO C 49 -7.33 0.32 -11.86
N GLN C 50 -6.28 -0.50 -11.76
CA GLN C 50 -6.45 -1.96 -11.70
C GLN C 50 -6.66 -2.48 -10.28
N GLY C 67 0.10 19.58 -0.89
CA GLY C 67 -1.25 20.09 -1.08
C GLY C 67 -2.02 19.43 -2.21
N ALA C 68 -2.19 20.14 -3.33
CA ALA C 68 -3.02 19.65 -4.41
C ALA C 68 -2.44 18.40 -5.09
N GLU C 69 -1.11 18.34 -5.21
CA GLU C 69 -0.45 17.20 -5.85
C GLU C 69 -0.76 15.92 -5.10
N ALA C 70 -0.68 15.96 -3.78
CA ALA C 70 -0.98 14.79 -2.98
C ALA C 70 -2.46 14.42 -3.07
N ALA C 71 -3.34 15.42 -3.01
CA ALA C 71 -4.78 15.16 -3.11
C ALA C 71 -5.13 14.56 -4.45
N LEU C 72 -4.48 15.04 -5.51
CA LEU C 72 -4.75 14.52 -6.84
C LEU C 72 -4.35 13.08 -6.97
N GLU C 73 -3.17 12.71 -6.48
CA GLU C 73 -2.77 11.32 -6.55
C GLU C 73 -3.73 10.41 -5.79
N GLU C 74 -4.23 10.86 -4.64
CA GLU C 74 -5.15 10.04 -3.88
C GLU C 74 -6.49 9.91 -4.58
N ALA C 75 -6.99 11.02 -5.13
CA ALA C 75 -8.27 10.99 -5.83
C ALA C 75 -8.22 10.12 -7.10
N ALA C 76 -7.03 9.90 -7.67
CA ALA C 76 -6.88 9.10 -8.91
C ALA C 76 -6.69 7.60 -8.59
N ARG C 77 -6.85 7.23 -7.33
CA ARG C 77 -6.71 5.83 -6.98
C ARG C 77 -8.02 5.08 -7.22
N GLY C 78 -9.10 5.80 -7.54
CA GLY C 78 -10.37 5.17 -7.90
C GLY C 78 -10.78 5.58 -9.32
N PRO C 79 -11.98 5.20 -9.76
CA PRO C 79 -12.44 5.56 -11.12
C PRO C 79 -12.36 7.07 -11.35
N ILE C 80 -11.82 7.43 -12.51
CA ILE C 80 -11.68 8.80 -12.94
C ILE C 80 -12.59 9.03 -14.15
N LEU C 81 -13.39 10.08 -14.11
CA LEU C 81 -14.24 10.42 -15.23
C LEU C 81 -13.68 11.65 -15.89
N VAL C 82 -13.54 11.60 -17.21
CA VAL C 82 -13.06 12.75 -17.95
C VAL C 82 -14.24 13.22 -18.81
N ASP C 83 -14.71 14.41 -18.45
CA ASP C 83 -15.95 15.03 -18.89
C ASP C 83 -17.20 14.23 -18.57
N THR C 84 -18.35 14.89 -18.67
CA THR C 84 -19.59 14.33 -18.18
C THR C 84 -20.77 14.45 -19.12
N GLY C 85 -20.60 15.11 -20.28
CA GLY C 85 -21.71 15.26 -21.18
C GLY C 85 -22.60 16.41 -20.78
N GLY C 86 -23.58 16.77 -21.61
CA GLY C 86 -24.57 17.79 -21.21
C GLY C 86 -25.59 17.22 -20.23
N PRO C 87 -26.42 18.09 -19.65
CA PRO C 87 -27.40 17.68 -18.64
C PRO C 87 -28.43 16.67 -19.18
N TRP C 88 -28.67 16.70 -20.47
CA TRP C 88 -29.62 15.79 -21.07
C TRP C 88 -29.10 14.36 -21.13
N ALA C 89 -27.80 14.19 -20.91
CA ALA C 89 -27.11 12.90 -21.04
C ALA C 89 -27.05 12.13 -19.72
N ARG C 90 -27.70 12.66 -18.68
CA ARG C 90 -27.62 12.05 -17.37
C ARG C 90 -27.88 10.55 -17.34
N GLU C 91 -29.03 10.14 -17.89
CA GLU C 91 -29.42 8.74 -17.77
C GLU C 91 -28.50 7.87 -18.58
N ALA C 92 -28.07 8.37 -19.75
CA ALA C 92 -27.14 7.61 -20.57
C ALA C 92 -25.80 7.49 -19.87
N LEU C 93 -25.34 8.54 -19.20
CA LEU C 93 -24.09 8.45 -18.44
C LEU C 93 -24.19 7.45 -17.28
N LEU C 94 -25.26 7.54 -16.49
CA LEU C 94 -25.49 6.60 -15.40
C LEU C 94 -25.53 5.16 -15.88
N GLY C 95 -26.21 4.92 -17.00
CA GLY C 95 -26.30 3.59 -17.59
C GLY C 95 -24.94 3.05 -18.03
N ALA C 96 -24.15 3.90 -18.68
CA ALA C 96 -22.85 3.52 -19.18
C ALA C 96 -21.93 3.20 -18.03
N LEU C 97 -21.97 4.03 -16.98
CA LEU C 97 -21.16 3.75 -15.78
C LEU C 97 -21.53 2.39 -15.20
N ALA C 98 -22.82 2.12 -15.08
CA ALA C 98 -23.30 0.88 -14.48
C ALA C 98 -22.84 -0.31 -15.32
N GLY C 99 -22.88 -0.16 -16.63
CA GLY C 99 -22.33 -1.16 -17.52
C GLY C 99 -20.88 -1.50 -17.27
N GLN C 100 -20.12 -0.57 -16.69
CA GLN C 100 -18.73 -0.82 -16.26
C GLN C 100 -18.56 -1.22 -14.79
N GLY C 101 -19.66 -1.44 -14.10
CA GLY C 101 -19.66 -1.84 -12.70
C GLY C 101 -19.41 -0.72 -11.72
N VAL C 102 -19.62 0.51 -12.18
CA VAL C 102 -19.30 1.70 -11.41
C VAL C 102 -20.58 2.45 -11.00
N ALA C 103 -20.73 2.66 -9.70
CA ALA C 103 -21.83 3.49 -9.22
C ALA C 103 -21.33 4.92 -9.26
N PRO C 104 -22.23 5.90 -9.43
CA PRO C 104 -21.72 7.28 -9.45
C PRO C 104 -20.94 7.63 -8.19
N GLY C 105 -21.42 7.13 -7.06
CA GLY C 105 -20.78 7.32 -5.78
C GLY C 105 -19.36 6.75 -5.69
N ASP C 106 -19.01 5.83 -6.59
CA ASP C 106 -17.67 5.23 -6.64
C ASP C 106 -16.64 6.14 -7.31
N VAL C 107 -17.08 7.13 -8.06
CA VAL C 107 -16.14 7.95 -8.82
C VAL C 107 -15.37 8.84 -7.87
N THR C 108 -14.04 8.87 -8.02
CA THR C 108 -13.20 9.55 -7.05
C THR C 108 -12.62 10.86 -7.58
N LEU C 109 -12.61 11.00 -8.89
CA LEU C 109 -12.08 12.21 -9.54
C LEU C 109 -12.83 12.45 -10.83
N VAL C 110 -13.28 13.68 -11.01
CA VAL C 110 -13.84 14.13 -12.29
C VAL C 110 -12.92 15.18 -12.84
N VAL C 111 -12.53 15.00 -14.08
CA VAL C 111 -11.72 15.98 -14.78
C VAL C 111 -12.61 16.63 -15.86
N GLY C 112 -12.80 17.95 -15.79
CA GLY C 112 -13.51 18.69 -16.83
C GLY C 112 -12.48 19.38 -17.71
N THR C 113 -12.44 19.01 -18.98
CA THR C 113 -11.40 19.52 -19.87
C THR C 113 -11.54 21.03 -20.08
N HIS C 114 -12.78 21.50 -20.08
CA HIS C 114 -13.06 22.93 -20.18
C HIS C 114 -14.52 23.18 -19.80
N GLY C 115 -14.91 24.43 -19.63
CA GLY C 115 -16.20 24.69 -19.01
C GLY C 115 -17.40 24.85 -19.93
N HIS C 116 -17.44 24.17 -21.07
CA HIS C 116 -18.60 24.25 -21.99
C HIS C 116 -19.70 23.28 -21.53
N SER C 117 -20.96 23.65 -21.82
CA SER C 117 -22.12 22.95 -21.25
C SER C 117 -22.18 21.48 -21.64
N ASP C 118 -21.57 21.10 -22.77
CA ASP C 118 -21.70 19.72 -23.21
C ASP C 118 -20.54 18.87 -22.72
N HIS C 119 -19.75 19.43 -21.80
CA HIS C 119 -18.67 18.69 -21.16
C HIS C 119 -18.79 18.62 -19.64
N ILE C 120 -19.38 19.63 -19.02
CA ILE C 120 -19.46 19.68 -17.56
C ILE C 120 -20.92 19.72 -17.05
N GLY C 121 -21.82 19.18 -17.84
CA GLY C 121 -23.23 19.18 -17.52
C GLY C 121 -23.74 18.30 -16.39
N ASN C 122 -22.96 17.30 -15.98
CA ASN C 122 -23.39 16.38 -14.94
C ASN C 122 -22.43 16.27 -13.76
N LEU C 123 -21.72 17.36 -13.45
CA LEU C 123 -20.85 17.36 -12.28
C LEU C 123 -21.57 17.01 -11.01
N GLY C 124 -22.84 17.43 -10.91
CA GLY C 124 -23.64 17.26 -9.69
C GLY C 124 -23.98 15.80 -9.35
N LEU C 125 -23.75 14.91 -10.30
CA LEU C 125 -23.90 13.47 -10.07
C LEU C 125 -22.83 12.88 -9.14
N PHE C 126 -21.72 13.61 -8.96
CA PHE C 126 -20.54 13.07 -8.30
C PHE C 126 -20.08 13.98 -7.13
N PRO C 127 -20.96 14.23 -6.16
CA PRO C 127 -20.60 15.15 -5.08
C PRO C 127 -19.44 14.64 -4.22
N GLY C 128 -19.20 13.34 -4.20
CA GLY C 128 -18.11 12.75 -3.44
C GLY C 128 -16.76 12.70 -4.18
N ALA C 129 -16.75 13.10 -5.43
CA ALA C 129 -15.53 13.20 -6.23
C ALA C 129 -14.79 14.52 -6.04
N ALA C 130 -13.47 14.44 -6.02
CA ALA C 130 -12.60 15.59 -6.25
C ALA C 130 -12.85 16.06 -7.67
N LEU C 131 -12.65 17.34 -7.92
CA LEU C 131 -12.96 17.95 -9.23
C LEU C 131 -11.80 18.75 -9.73
N LEU C 132 -11.40 18.49 -10.96
CA LEU C 132 -10.43 19.32 -11.65
C LEU C 132 -11.12 19.79 -12.91
N VAL C 133 -11.58 21.03 -12.90
CA VAL C 133 -12.26 21.63 -14.06
C VAL C 133 -11.40 22.75 -14.55
N SER C 134 -10.88 22.60 -15.77
CA SER C 134 -9.84 23.50 -16.27
C SER C 134 -8.68 23.44 -15.24
N HIS C 135 -8.15 24.57 -14.78
CA HIS C 135 -7.04 24.54 -13.83
C HIS C 135 -7.47 24.54 -12.36
N ASP C 136 -8.77 24.55 -12.08
CA ASP C 136 -9.21 24.60 -10.70
C ASP C 136 -9.46 23.27 -10.09
N PHE C 137 -8.72 22.95 -9.01
CA PHE C 137 -8.84 21.69 -8.32
C PHE C 137 -9.52 21.89 -6.95
N CYS C 138 -10.58 21.16 -6.68
CA CYS C 138 -11.14 21.20 -5.32
C CYS C 138 -11.50 19.83 -4.83
N LEU C 139 -11.26 19.65 -3.54
CA LEU C 139 -11.80 18.51 -2.84
C LEU C 139 -13.30 18.59 -2.78
N PRO C 140 -13.96 17.45 -2.59
CA PRO C 140 -15.42 17.46 -2.38
C PRO C 140 -15.81 18.49 -1.30
N GLY C 141 -16.82 19.33 -1.54
CA GLY C 141 -17.20 20.37 -0.61
C GLY C 141 -16.70 21.74 -1.01
N GLY C 142 -15.84 21.80 -2.01
CA GLY C 142 -15.43 23.10 -2.54
C GLY C 142 -14.22 23.72 -1.86
N ARG C 143 -13.33 22.89 -1.31
CA ARG C 143 -12.04 23.37 -0.86
C ARG C 143 -11.02 23.31 -1.99
N TYR C 144 -10.68 24.48 -2.52
CA TYR C 144 -9.80 24.63 -3.65
C TYR C 144 -8.36 24.70 -3.21
N LEU C 145 -7.55 23.86 -3.83
CA LEU C 145 -6.14 23.73 -3.48
C LEU C 145 -5.26 24.22 -4.61
N PRO C 146 -4.32 25.12 -4.34
CA PRO C 146 -3.54 25.67 -5.46
C PRO C 146 -2.48 24.69 -6.02
N HIS C 147 -2.06 24.89 -7.26
CA HIS C 147 -1.03 24.04 -7.84
C HIS C 147 -0.33 24.75 -8.98
N GLY C 148 0.65 24.09 -9.58
CA GLY C 148 1.47 24.73 -10.58
C GLY C 148 1.33 24.18 -11.99
N LEU C 149 0.15 23.66 -12.35
CA LEU C 149 -0.08 23.21 -13.72
C LEU C 149 0.23 24.27 -14.78
N GLY C 150 1.07 23.91 -15.75
CA GLY C 150 1.38 24.76 -16.87
C GLY C 150 1.83 23.93 -18.07
N GLU C 151 2.02 24.57 -19.22
CA GLU C 151 2.40 23.82 -20.43
C GLU C 151 3.72 23.06 -20.26
N GLY C 152 4.59 23.54 -19.38
CA GLY C 152 5.85 22.87 -19.11
C GLY C 152 5.85 22.11 -17.80
N GLN C 153 4.69 22.04 -17.14
CA GLN C 153 4.61 21.39 -15.84
C GLN C 153 3.29 20.63 -15.70
N PRO C 154 3.22 19.41 -16.25
CA PRO C 154 2.02 18.57 -16.11
C PRO C 154 1.75 18.16 -14.66
N LEU C 155 0.52 17.79 -14.34
CA LEU C 155 0.18 17.29 -13.00
C LEU C 155 0.25 15.77 -13.04
N ARG C 156 0.97 15.15 -12.13
CA ARG C 156 1.05 13.70 -12.07
C ARG C 156 -0.12 13.14 -11.25
N LEU C 157 -0.91 12.29 -11.88
CA LEU C 157 -2.01 11.59 -11.19
C LEU C 157 -1.57 10.23 -10.65
N GLY C 158 -0.69 9.60 -11.40
CA GLY C 158 -0.22 8.26 -11.09
C GLY C 158 0.82 7.83 -12.09
N PRO C 159 1.33 6.58 -11.95
CA PRO C 159 2.30 6.08 -12.93
C PRO C 159 1.74 6.09 -14.36
N GLY C 160 2.38 6.88 -15.22
CA GLY C 160 1.96 7.00 -16.60
C GLY C 160 0.62 7.68 -16.76
N LEU C 161 0.19 8.45 -15.77
CA LEU C 161 -1.07 9.19 -15.85
C LEU C 161 -0.85 10.64 -15.45
N GLU C 162 -1.13 11.55 -16.38
CA GLU C 162 -0.86 12.97 -16.25
C GLU C 162 -2.00 13.84 -16.77
N VAL C 163 -2.14 15.01 -16.17
CA VAL C 163 -2.97 16.06 -16.73
C VAL C 163 -2.07 17.11 -17.37
N TRP C 164 -2.31 17.37 -18.65
CA TRP C 164 -1.62 18.43 -19.38
C TRP C 164 -2.46 19.71 -19.54
N ALA C 165 -1.78 20.84 -19.52
CA ALA C 165 -2.38 22.11 -19.89
C ALA C 165 -2.39 22.16 -21.41
N THR C 166 -3.58 22.22 -22.00
CA THR C 166 -3.69 22.22 -23.45
C THR C 166 -4.59 23.38 -23.85
N PRO C 167 -4.09 24.62 -23.75
CA PRO C 167 -4.91 25.81 -24.02
C PRO C 167 -5.36 25.89 -25.45
N GLY C 168 -6.41 26.64 -25.69
CA GLY C 168 -6.71 27.09 -27.04
C GLY C 168 -8.20 27.16 -27.26
N HIS C 169 -8.83 26.00 -27.28
CA HIS C 169 -10.23 25.91 -27.59
C HIS C 169 -11.14 26.70 -26.67
N GLY C 170 -11.18 26.31 -25.40
CA GLY C 170 -12.06 26.97 -24.44
C GLY C 170 -11.42 28.24 -23.88
N GLY C 171 -10.13 28.41 -24.12
CA GLY C 171 -9.39 29.50 -23.52
C GLY C 171 -8.05 29.00 -23.02
N GLN C 172 -7.44 29.76 -22.13
CA GLN C 172 -6.07 29.48 -21.75
C GLN C 172 -5.95 28.34 -20.74
N ARG C 173 -7.07 27.89 -20.18
CA ARG C 173 -6.98 26.94 -19.06
C ARG C 173 -7.53 25.54 -19.41
N ASP C 174 -7.73 25.23 -20.69
CA ASP C 174 -8.18 23.88 -21.03
C ASP C 174 -7.15 22.82 -20.62
N VAL C 175 -7.62 21.63 -20.26
CA VAL C 175 -6.71 20.54 -19.90
C VAL C 175 -7.05 19.23 -20.62
N SER C 176 -6.05 18.35 -20.71
CA SER C 176 -6.15 17.03 -21.32
C SER C 176 -5.56 15.99 -20.37
N VAL C 177 -6.05 14.75 -20.47
CA VAL C 177 -5.57 13.63 -19.65
C VAL C 177 -4.78 12.66 -20.53
N VAL C 178 -3.55 12.32 -20.11
CA VAL C 178 -2.67 11.48 -20.92
C VAL C 178 -2.45 10.20 -20.16
N VAL C 179 -2.74 9.08 -20.81
CA VAL C 179 -2.71 7.75 -20.19
C VAL C 179 -1.71 6.90 -20.94
N ALA C 180 -0.52 6.71 -20.37
CA ALA C 180 0.50 5.86 -20.98
C ALA C 180 0.29 4.39 -20.62
N GLY C 181 0.83 3.49 -21.43
CA GLY C 181 0.94 2.10 -21.01
C GLY C 181 -0.31 1.26 -21.22
N THR C 182 -1.20 1.70 -22.10
CA THR C 182 -2.37 0.89 -22.41
C THR C 182 -1.96 -0.10 -23.48
N ALA C 183 -2.88 -0.98 -23.83
CA ALA C 183 -2.65 -1.95 -24.90
C ALA C 183 -2.40 -1.31 -26.24
N LEU C 184 -2.94 -0.10 -26.45
CA LEU C 184 -2.76 0.60 -27.73
C LEU C 184 -1.70 1.69 -27.64
N GLY C 185 -0.97 1.73 -26.53
CA GLY C 185 0.02 2.78 -26.32
C GLY C 185 -0.56 3.92 -25.49
N THR C 186 -0.22 5.15 -25.86
CA THR C 186 -0.65 6.33 -25.12
C THR C 186 -1.97 6.87 -25.64
N VAL C 187 -2.94 6.97 -24.74
CA VAL C 187 -4.25 7.52 -25.05
C VAL C 187 -4.33 8.93 -24.49
N VAL C 188 -4.67 9.89 -25.32
CA VAL C 188 -4.91 11.24 -24.86
C VAL C 188 -6.39 11.57 -24.99
N VAL C 189 -6.99 11.94 -23.87
CA VAL C 189 -8.37 12.42 -23.78
C VAL C 189 -8.26 13.93 -23.85
N ALA C 190 -8.62 14.48 -25.01
CA ALA C 190 -8.17 15.81 -25.44
C ALA C 190 -9.22 16.92 -25.30
N GLY C 191 -10.42 16.58 -24.85
CA GLY C 191 -11.47 17.58 -24.84
C GLY C 191 -11.66 18.03 -26.29
N ASP C 192 -11.88 19.32 -26.49
CA ASP C 192 -12.14 19.85 -27.82
C ASP C 192 -10.87 20.40 -28.48
N VAL C 193 -9.70 20.05 -27.96
CA VAL C 193 -8.43 20.34 -28.65
C VAL C 193 -8.50 19.76 -30.08
N PHE C 194 -9.10 18.57 -30.16
CA PHE C 194 -9.54 17.98 -31.45
C PHE C 194 -11.03 17.82 -31.41
N GLU C 195 -11.67 18.32 -32.44
CA GLU C 195 -13.10 18.18 -32.60
C GLU C 195 -13.45 16.72 -32.93
N ARG C 196 -12.73 16.18 -33.91
CA ARG C 196 -12.96 14.86 -34.44
C ARG C 196 -11.81 14.49 -35.37
N ASP C 197 -11.74 13.23 -35.76
CA ASP C 197 -10.83 12.84 -36.83
C ASP C 197 -11.23 13.61 -38.08
N GLY C 198 -10.27 14.25 -38.74
CA GLY C 198 -10.54 14.99 -39.97
C GLY C 198 -11.08 16.40 -39.80
N ASP C 199 -10.82 17.02 -38.64
CA ASP C 199 -11.31 18.36 -38.35
C ASP C 199 -10.35 19.45 -38.83
N GLU C 200 -9.40 19.09 -39.69
CA GLU C 200 -8.29 20.00 -40.06
C GLU C 200 -8.71 21.41 -40.47
N ASP C 201 -9.88 21.53 -41.11
CA ASP C 201 -10.33 22.83 -41.59
C ASP C 201 -11.59 23.30 -40.88
N SER C 202 -11.93 22.68 -39.75
CA SER C 202 -13.16 23.02 -39.07
C SER C 202 -12.97 23.50 -37.63
N TRP C 203 -11.83 23.15 -37.02
CA TRP C 203 -11.67 23.42 -35.59
C TRP C 203 -11.46 24.89 -35.28
N GLN C 204 -10.85 25.60 -36.23
CA GLN C 204 -10.45 26.99 -36.03
C GLN C 204 -11.61 27.93 -35.69
N ALA C 205 -12.75 27.72 -36.34
CA ALA C 205 -13.90 28.60 -36.15
C ALA C 205 -14.49 28.48 -34.75
N LEU C 206 -14.17 27.39 -34.07
CA LEU C 206 -14.71 27.11 -32.75
C LEU C 206 -13.74 27.48 -31.62
N SER C 207 -12.59 28.07 -32.00
CA SER C 207 -11.45 28.24 -31.09
C SER C 207 -11.38 29.64 -30.53
N GLU C 208 -11.21 29.76 -29.21
CA GLU C 208 -11.02 31.06 -28.60
C GLU C 208 -9.59 31.60 -28.83
N ASP C 209 -8.62 30.71 -29.00
CA ASP C 209 -7.22 31.12 -29.30
C ASP C 209 -6.57 30.09 -30.23
N PRO C 210 -6.70 30.27 -31.55
CA PRO C 210 -6.20 29.32 -32.55
C PRO C 210 -4.70 29.11 -32.48
N ALA C 211 -3.94 30.12 -32.10
CA ALA C 211 -2.48 29.97 -31.96
C ALA C 211 -2.15 28.99 -30.82
N ALA C 212 -2.80 29.16 -29.68
CA ALA C 212 -2.57 28.25 -28.57
C ALA C 212 -3.08 26.85 -28.94
N GLN C 213 -4.24 26.78 -29.58
CA GLN C 213 -4.82 25.47 -29.86
C GLN C 213 -3.91 24.68 -30.82
N GLU C 214 -3.29 25.35 -31.78
CA GLU C 214 -2.43 24.65 -32.71
C GLU C 214 -1.20 24.12 -31.99
N ARG C 215 -0.68 24.91 -31.06
CA ARG C 215 0.44 24.46 -30.23
C ARG C 215 0.06 23.19 -29.45
N SER C 216 -1.15 23.17 -28.90
CA SER C 216 -1.66 22.02 -28.14
C SER C 216 -1.89 20.78 -29.02
N ARG C 217 -2.46 20.98 -30.20
CA ARG C 217 -2.71 19.88 -31.15
C ARG C 217 -1.40 19.20 -31.52
N LYS C 218 -0.38 20.00 -31.86
CA LYS C 218 0.94 19.44 -32.18
C LYS C 218 1.55 18.69 -31.01
N ARG C 219 1.47 19.25 -29.79
CA ARG C 219 1.99 18.58 -28.59
C ARG C 219 1.35 17.21 -28.42
N VAL C 220 0.04 17.16 -28.57
CA VAL C 220 -0.72 15.93 -28.37
C VAL C 220 -0.33 14.90 -29.42
N LEU C 221 -0.21 15.34 -30.67
CA LEU C 221 0.06 14.40 -31.74
C LEU C 221 1.48 13.81 -31.63
N VAL C 222 2.37 14.49 -30.92
CA VAL C 222 3.71 13.96 -30.76
C VAL C 222 3.70 12.70 -29.86
N VAL C 223 2.81 12.66 -28.86
CA VAL C 223 2.83 11.57 -27.88
C VAL C 223 1.72 10.54 -28.07
N ALA C 224 0.60 10.97 -28.61
CA ALA C 224 -0.57 10.10 -28.66
C ALA C 224 -0.46 8.99 -29.69
N ASP C 225 -0.87 7.79 -29.30
CA ASP C 225 -1.23 6.74 -30.24
C ASP C 225 -2.74 6.69 -30.51
N VAL C 226 -3.53 7.15 -29.53
CA VAL C 226 -4.98 7.25 -29.68
C VAL C 226 -5.42 8.57 -29.06
N VAL C 227 -6.30 9.26 -29.77
CA VAL C 227 -6.91 10.47 -29.28
C VAL C 227 -8.39 10.25 -29.12
N VAL C 228 -8.93 10.69 -27.98
CA VAL C 228 -10.39 10.76 -27.81
C VAL C 228 -10.78 12.23 -27.95
N PRO C 229 -11.39 12.58 -29.07
CA PRO C 229 -11.72 13.99 -29.26
C PRO C 229 -13.07 14.32 -28.64
N GLY C 230 -13.38 15.61 -28.60
CA GLY C 230 -14.57 16.05 -27.93
C GLY C 230 -15.87 15.70 -28.62
N HIS C 231 -15.87 15.67 -29.95
CA HIS C 231 -17.10 15.57 -30.75
C HIS C 231 -17.04 14.58 -31.89
N GLY C 232 -16.39 13.47 -31.61
CA GLY C 232 -16.36 12.36 -32.51
C GLY C 232 -15.78 11.12 -31.88
N PRO C 233 -15.76 10.04 -32.65
CA PRO C 233 -15.14 8.81 -32.15
C PRO C 233 -13.63 8.92 -32.00
N PRO C 234 -13.05 8.09 -31.14
CA PRO C 234 -11.59 8.07 -30.98
C PRO C 234 -10.92 7.69 -32.27
N PHE C 235 -9.70 8.15 -32.46
CA PHE C 235 -8.93 7.77 -33.63
C PHE C 235 -7.51 7.44 -33.26
N ARG C 236 -6.88 6.63 -34.11
CA ARG C 236 -5.49 6.29 -33.97
C ARG C 236 -4.63 7.31 -34.71
N VAL C 237 -3.45 7.55 -34.14
CA VAL C 237 -2.40 8.39 -34.74
C VAL C 237 -1.26 7.47 -35.19
N LEU C 238 -0.95 7.52 -36.50
CA LEU C 238 0.02 6.60 -37.09
C LEU C 238 1.32 7.30 -37.50
N ARG D 2 31.14 18.51 20.08
CA ARG D 2 31.11 17.79 21.35
C ARG D 2 30.25 16.53 21.24
N THR D 3 30.59 15.54 22.05
CA THR D 3 29.82 14.30 22.08
C THR D 3 29.62 13.83 23.51
N GLU D 4 28.43 13.33 23.79
CA GLU D 4 28.11 12.81 25.11
C GLU D 4 27.48 11.42 24.98
N PRO D 5 27.88 10.47 25.83
CA PRO D 5 27.24 9.15 25.75
C PRO D 5 25.76 9.24 26.02
N LEU D 6 24.96 8.51 25.25
CA LEU D 6 23.52 8.66 25.29
C LEU D 6 22.95 7.78 26.37
N CYS D 7 22.57 8.42 27.48
CA CYS D 7 22.04 7.70 28.63
C CYS D 7 20.52 7.68 28.56
N GLY D 8 19.94 6.75 29.30
CA GLY D 8 18.49 6.57 29.32
C GLY D 8 18.16 5.11 29.55
N ALA D 9 16.86 4.82 29.60
CA ALA D 9 16.38 3.48 29.85
C ALA D 9 16.93 2.45 28.85
N SER D 10 17.47 1.32 29.34
CA SER D 10 17.98 0.23 28.47
C SER D 10 16.87 -0.80 28.24
N PRO D 11 16.78 -1.43 27.03
CA PRO D 11 17.61 -1.14 25.86
C PRO D 11 17.32 0.23 25.35
N LEU D 12 18.31 0.89 24.77
CA LEU D 12 18.11 2.21 24.28
C LEU D 12 17.20 2.16 23.07
N LEU D 13 16.08 2.84 23.24
CA LEU D 13 15.05 2.95 22.25
C LEU D 13 14.98 4.39 21.79
N VAL D 14 15.11 4.60 20.50
CA VAL D 14 14.92 5.92 19.91
C VAL D 14 13.68 5.87 19.02
N PRO D 15 12.55 6.38 19.53
CA PRO D 15 11.34 6.26 18.74
C PRO D 15 11.45 7.11 17.48
N GLY D 16 10.69 6.76 16.46
CA GLY D 16 10.61 7.63 15.31
C GLY D 16 9.51 7.21 14.38
N ASP D 17 9.42 7.94 13.29
CA ASP D 17 8.40 7.77 12.29
C ASP D 17 9.07 8.23 11.00
N PRO D 18 9.11 7.35 9.99
CA PRO D 18 8.59 5.98 9.91
C PRO D 18 9.43 4.89 10.55
N TYR D 19 10.62 5.19 11.05
CA TYR D 19 11.45 4.12 11.67
C TYR D 19 11.90 4.45 13.07
N SER D 20 11.76 3.47 13.96
CA SER D 20 12.36 3.54 15.30
C SER D 20 13.67 2.73 15.29
N VAL D 21 14.52 3.01 16.26
CA VAL D 21 15.80 2.36 16.36
C VAL D 21 15.97 1.86 17.80
N VAL D 22 16.34 0.60 17.96
CA VAL D 22 16.58 0.05 19.29
C VAL D 22 17.95 -0.61 19.31
N VAL D 23 18.79 -0.24 20.26
CA VAL D 23 20.10 -0.85 20.38
C VAL D 23 19.89 -2.07 21.26
N LEU D 24 19.89 -3.23 20.62
CA LEU D 24 19.59 -4.47 21.30
C LEU D 24 20.72 -4.89 22.22
N LEU D 25 21.96 -4.78 21.72
CA LEU D 25 23.14 -5.14 22.48
C LEU D 25 24.22 -4.11 22.24
N GLN D 26 24.74 -3.54 23.31
CA GLN D 26 25.77 -2.50 23.19
C GLN D 26 27.12 -3.16 23.13
N GLY D 27 27.95 -2.71 22.19
CA GLY D 27 29.23 -3.31 22.00
C GLY D 27 30.20 -2.97 23.12
N TYR D 28 31.28 -3.73 23.20
CA TYR D 28 32.34 -3.45 24.13
C TYR D 28 33.66 -4.00 23.60
N ALA D 29 34.76 -3.54 24.17
CA ALA D 29 36.07 -4.12 23.90
C ALA D 29 36.92 -3.79 25.11
N GLU D 30 37.17 -4.80 25.93
CA GLU D 30 37.75 -4.64 27.26
C GLU D 30 39.14 -5.27 27.32
N PRO D 31 40.18 -4.45 27.55
CA PRO D 31 41.49 -5.10 27.75
C PRO D 31 41.56 -5.87 29.09
N GLU D 32 42.62 -6.63 29.29
CA GLU D 32 42.77 -7.44 30.51
C GLU D 32 43.84 -6.88 31.43
N GLY D 33 43.87 -7.38 32.67
CA GLY D 33 44.79 -6.89 33.68
C GLY D 33 46.24 -7.13 33.32
N VAL D 34 46.51 -8.21 32.60
CA VAL D 34 47.84 -8.50 32.12
C VAL D 34 47.78 -9.12 30.74
N GLY D 35 48.76 -8.81 29.90
CA GLY D 35 48.78 -9.30 28.54
C GLY D 35 47.93 -8.46 27.61
N ASP D 36 47.82 -8.91 26.37
CA ASP D 36 47.29 -8.10 25.28
C ASP D 36 45.97 -8.61 24.73
N ALA D 37 45.34 -9.52 25.42
CA ALA D 37 44.07 -10.05 24.91
C ALA D 37 42.96 -9.07 25.17
N VAL D 38 41.90 -9.17 24.39
CA VAL D 38 40.77 -8.26 24.49
C VAL D 38 39.49 -9.04 24.35
N ARG D 39 38.56 -8.84 25.29
CA ARG D 39 37.27 -9.47 25.22
C ARG D 39 36.38 -8.47 24.53
N ALA D 40 35.71 -8.87 23.46
CA ALA D 40 34.93 -7.92 22.69
C ALA D 40 33.70 -8.52 22.04
N ASP D 41 32.77 -7.63 21.69
CA ASP D 41 31.60 -8.01 20.91
C ASP D 41 31.04 -6.74 20.33
N GLY D 42 30.40 -6.86 19.17
CA GLY D 42 29.90 -5.72 18.44
C GLY D 42 28.49 -5.33 18.81
N SER D 43 28.16 -4.05 18.65
CA SER D 43 26.80 -3.60 18.89
C SER D 43 25.86 -4.21 17.88
N VAL D 44 24.63 -4.42 18.32
CA VAL D 44 23.54 -4.91 17.49
C VAL D 44 22.36 -3.97 17.63
N THR D 45 21.89 -3.49 16.47
CA THR D 45 20.81 -2.53 16.39
C THR D 45 19.67 -3.04 15.55
N LEU D 46 18.45 -2.74 15.99
CA LEU D 46 17.23 -3.10 15.28
C LEU D 46 16.56 -1.86 14.77
N VAL D 47 16.22 -1.83 13.49
CA VAL D 47 15.47 -0.69 12.89
C VAL D 47 14.10 -1.22 12.58
N LEU D 48 13.10 -0.57 13.14
CA LEU D 48 11.72 -1.07 13.10
C LEU D 48 10.80 -0.13 12.31
N PRO D 49 10.27 -0.61 11.19
CA PRO D 49 9.25 0.14 10.44
C PRO D 49 8.01 0.32 11.29
N GLN D 50 7.32 1.45 11.12
CA GLN D 50 6.17 1.78 11.97
C GLN D 50 4.95 0.95 11.63
N THR D 51 3.98 1.01 12.54
CA THR D 51 2.78 0.21 12.48
C THR D 51 1.57 1.09 12.23
N GLY D 67 16.77 -4.14 -10.07
CA GLY D 67 16.93 -5.41 -9.40
C GLY D 67 17.24 -5.27 -7.92
N ALA D 68 18.49 -5.04 -7.56
CA ALA D 68 18.83 -4.99 -6.14
C ALA D 68 18.16 -3.81 -5.43
N GLU D 69 17.98 -2.69 -6.14
CA GLU D 69 17.33 -1.52 -5.56
C GLU D 69 15.93 -1.83 -5.08
N ALA D 70 15.14 -2.46 -5.95
CA ALA D 70 13.77 -2.80 -5.57
C ALA D 70 13.77 -3.86 -4.47
N ALA D 71 14.63 -4.87 -4.56
CA ALA D 71 14.66 -5.93 -3.52
C ALA D 71 15.01 -5.38 -2.16
N LEU D 72 15.94 -4.43 -2.10
CA LEU D 72 16.31 -3.85 -0.83
C LEU D 72 15.16 -3.10 -0.24
N GLU D 73 14.45 -2.34 -1.07
CA GLU D 73 13.34 -1.58 -0.58
C GLU D 73 12.26 -2.50 -0.01
N GLU D 74 12.03 -3.63 -0.66
CA GLU D 74 11.04 -4.59 -0.18
C GLU D 74 11.49 -5.27 1.11
N ALA D 75 12.75 -5.66 1.16
CA ALA D 75 13.26 -6.34 2.36
C ALA D 75 13.26 -5.39 3.56
N ALA D 76 13.30 -4.08 3.33
CA ALA D 76 13.32 -3.12 4.45
C ALA D 76 11.93 -2.78 4.98
N ARG D 77 10.90 -3.48 4.51
CA ARG D 77 9.54 -3.18 4.96
C ARG D 77 9.25 -3.92 6.27
N GLY D 78 10.17 -4.81 6.66
CA GLY D 78 10.09 -5.50 7.95
C GLY D 78 11.22 -5.13 8.88
N PRO D 79 11.34 -5.82 10.03
CA PRO D 79 12.46 -5.54 10.94
C PRO D 79 13.81 -5.72 10.23
N ILE D 80 14.67 -4.73 10.42
CA ILE D 80 16.03 -4.69 9.91
C ILE D 80 17.03 -4.80 11.07
N LEU D 81 17.91 -5.79 10.98
CA LEU D 81 18.98 -5.97 11.94
C LEU D 81 20.29 -5.46 11.38
N VAL D 82 20.97 -4.59 12.15
CA VAL D 82 22.27 -4.09 11.75
C VAL D 82 23.29 -4.71 12.70
N ASP D 83 24.11 -5.57 12.12
CA ASP D 83 25.04 -6.48 12.78
C ASP D 83 24.37 -7.47 13.72
N THR D 84 25.12 -8.51 14.11
CA THR D 84 24.53 -9.66 14.78
C THR D 84 25.32 -10.13 15.98
N GLY D 85 26.47 -9.53 16.25
CA GLY D 85 27.31 -10.01 17.33
C GLY D 85 28.11 -11.23 16.97
N GLY D 86 28.96 -11.67 17.89
CA GLY D 86 29.69 -12.91 17.67
C GLY D 86 28.83 -14.12 17.93
N PRO D 87 29.29 -15.30 17.52
CA PRO D 87 28.52 -16.52 17.72
C PRO D 87 28.13 -16.81 19.19
N TRP D 88 28.98 -16.44 20.14
CA TRP D 88 28.70 -16.62 21.56
C TRP D 88 27.47 -15.83 22.06
N ALA D 89 27.08 -14.81 21.27
CA ALA D 89 26.01 -13.87 21.63
C ALA D 89 24.63 -14.34 21.15
N ARG D 90 24.55 -15.54 20.59
CA ARG D 90 23.30 -16.03 20.01
C ARG D 90 22.11 -15.96 20.98
N GLU D 91 22.25 -16.49 22.19
CA GLU D 91 21.09 -16.50 23.12
C GLU D 91 20.72 -15.09 23.56
N ALA D 92 21.72 -14.22 23.72
CA ALA D 92 21.43 -12.87 24.14
C ALA D 92 20.74 -12.12 23.02
N LEU D 93 21.12 -12.41 21.77
CA LEU D 93 20.46 -11.74 20.64
C LEU D 93 19.01 -12.20 20.55
N LEU D 94 18.80 -13.51 20.66
CA LEU D 94 17.46 -14.04 20.58
C LEU D 94 16.55 -13.46 21.66
N GLY D 95 17.08 -13.33 22.86
CA GLY D 95 16.35 -12.78 23.98
C GLY D 95 16.02 -11.32 23.75
N ALA D 96 16.99 -10.54 23.29
CA ALA D 96 16.80 -9.13 23.00
C ALA D 96 15.75 -8.95 21.94
N LEU D 97 15.78 -9.77 20.89
CA LEU D 97 14.76 -9.65 19.84
C LEU D 97 13.37 -9.94 20.40
N ALA D 98 13.27 -11.00 21.20
CA ALA D 98 11.99 -11.40 21.80
C ALA D 98 11.42 -10.26 22.64
N GLY D 99 12.30 -9.61 23.40
CA GLY D 99 11.94 -8.42 24.12
C GLY D 99 11.32 -7.30 23.31
N GLN D 100 11.63 -7.22 22.00
CA GLN D 100 11.01 -6.27 21.10
C GLN D 100 9.84 -6.84 20.31
N GLY D 101 9.45 -8.07 20.63
CA GLY D 101 8.30 -8.68 19.99
C GLY D 101 8.58 -9.32 18.64
N VAL D 102 9.86 -9.59 18.39
CA VAL D 102 10.36 -10.00 17.08
C VAL D 102 10.94 -11.41 17.17
N ALA D 103 10.39 -12.31 16.36
CA ALA D 103 10.96 -13.64 16.23
C ALA D 103 12.07 -13.55 15.21
N PRO D 104 13.06 -14.44 15.28
CA PRO D 104 14.14 -14.39 14.30
C PRO D 104 13.61 -14.48 12.87
N GLY D 105 12.57 -15.28 12.72
CA GLY D 105 11.94 -15.54 11.45
C GLY D 105 11.23 -14.32 10.87
N ASP D 106 11.01 -13.30 11.70
CA ASP D 106 10.33 -12.06 11.29
C ASP D 106 11.30 -11.07 10.64
N VAL D 107 12.60 -11.26 10.86
CA VAL D 107 13.58 -10.29 10.38
C VAL D 107 13.66 -10.38 8.86
N THR D 108 13.57 -9.25 8.16
CA THR D 108 13.48 -9.31 6.70
C THR D 108 14.75 -8.87 5.98
N LEU D 109 15.60 -8.17 6.71
CA LEU D 109 16.89 -7.67 6.22
C LEU D 109 17.92 -7.67 7.33
N VAL D 110 19.10 -8.24 7.04
CA VAL D 110 20.27 -8.10 7.92
C VAL D 110 21.34 -7.33 7.17
N VAL D 111 21.84 -6.29 7.81
CA VAL D 111 22.97 -5.55 7.32
C VAL D 111 24.21 -5.83 8.16
N GLY D 112 25.26 -6.31 7.51
CA GLY D 112 26.54 -6.50 8.19
C GLY D 112 27.46 -5.37 7.78
N THR D 113 27.86 -4.53 8.73
CA THR D 113 28.65 -3.35 8.43
C THR D 113 30.01 -3.73 7.85
N HIS D 114 30.55 -4.86 8.31
CA HIS D 114 31.81 -5.37 7.77
C HIS D 114 31.98 -6.80 8.23
N GLY D 115 32.99 -7.51 7.72
CA GLY D 115 33.00 -8.95 7.85
C GLY D 115 33.83 -9.50 9.02
N HIS D 116 33.93 -8.75 10.12
CA HIS D 116 34.67 -9.24 11.32
C HIS D 116 33.76 -10.16 12.15
N SER D 117 34.37 -11.11 12.86
CA SER D 117 33.63 -12.18 13.52
C SER D 117 32.66 -11.72 14.62
N ASP D 118 32.93 -10.56 15.22
CA ASP D 118 32.06 -10.01 16.26
C ASP D 118 30.93 -9.14 15.73
N HIS D 119 30.78 -9.13 14.41
CA HIS D 119 29.68 -8.42 13.76
C HIS D 119 28.76 -9.32 12.94
N ILE D 120 29.30 -10.40 12.35
CA ILE D 120 28.50 -11.25 11.50
C ILE D 120 28.43 -12.69 12.01
N GLY D 121 28.62 -12.89 13.31
CA GLY D 121 28.58 -14.21 13.90
C GLY D 121 27.26 -14.96 13.94
N ASN D 122 26.13 -14.27 13.76
CA ASN D 122 24.82 -14.92 13.81
C ASN D 122 23.92 -14.75 12.58
N LEU D 123 24.52 -14.63 11.40
CA LEU D 123 23.76 -14.59 10.16
C LEU D 123 22.84 -15.78 9.99
N GLY D 124 23.30 -16.94 10.45
CA GLY D 124 22.56 -18.18 10.29
C GLY D 124 21.24 -18.24 11.03
N LEU D 125 21.04 -17.32 11.97
CA LEU D 125 19.75 -17.26 12.66
C LEU D 125 18.62 -16.75 11.76
N PHE D 126 18.97 -16.16 10.62
CA PHE D 126 18.00 -15.40 9.81
C PHE D 126 18.01 -15.87 8.36
N PRO D 127 17.72 -17.16 8.14
CA PRO D 127 17.79 -17.68 6.76
C PRO D 127 16.70 -17.07 5.86
N GLY D 128 15.66 -16.50 6.45
CA GLY D 128 14.60 -15.86 5.68
C GLY D 128 14.83 -14.40 5.32
N ALA D 129 15.92 -13.82 5.82
CA ALA D 129 16.25 -12.43 5.57
C ALA D 129 17.12 -12.26 4.33
N ALA D 130 16.89 -11.16 3.61
CA ALA D 130 17.88 -10.66 2.65
C ALA D 130 19.12 -10.21 3.41
N LEU D 131 20.28 -10.23 2.77
CA LEU D 131 21.54 -9.97 3.43
C LEU D 131 22.34 -8.97 2.66
N LEU D 132 22.72 -7.91 3.34
CA LEU D 132 23.66 -6.96 2.80
C LEU D 132 24.87 -6.95 3.71
N VAL D 133 25.93 -7.63 3.28
CA VAL D 133 27.14 -7.76 4.09
C VAL D 133 28.23 -7.06 3.34
N SER D 134 28.73 -5.97 3.92
CA SER D 134 29.58 -5.05 3.17
C SER D 134 28.81 -4.63 1.90
N HIS D 135 29.39 -4.72 0.71
CA HIS D 135 28.68 -4.32 -0.51
C HIS D 135 27.92 -5.46 -1.21
N ASP D 136 27.97 -6.67 -0.66
CA ASP D 136 27.28 -7.80 -1.27
C ASP D 136 25.86 -8.00 -0.80
N PHE D 137 24.92 -7.90 -1.74
CA PHE D 137 23.50 -8.09 -1.45
C PHE D 137 22.99 -9.38 -2.05
N CYS D 138 22.34 -10.21 -1.23
CA CYS D 138 21.66 -11.37 -1.75
C CYS D 138 20.29 -11.54 -1.10
N LEU D 139 19.37 -12.01 -1.94
CA LEU D 139 18.11 -12.54 -1.49
C LEU D 139 18.34 -13.79 -0.70
N PRO D 140 17.37 -14.16 0.13
CA PRO D 140 17.49 -15.44 0.86
C PRO D 140 17.75 -16.58 -0.13
N GLY D 141 18.67 -17.48 0.18
CA GLY D 141 19.01 -18.54 -0.75
C GLY D 141 20.30 -18.31 -1.51
N GLY D 142 20.82 -17.10 -1.42
CA GLY D 142 22.10 -16.77 -2.04
C GLY D 142 22.08 -16.36 -3.51
N ARG D 143 21.01 -15.68 -3.88
CA ARG D 143 20.95 -15.04 -5.18
C ARG D 143 21.45 -13.59 -5.03
N TYR D 144 22.66 -13.33 -5.52
CA TYR D 144 23.32 -12.04 -5.38
C TYR D 144 22.93 -11.13 -6.51
N LEU D 145 22.51 -9.92 -6.15
CA LEU D 145 22.02 -8.95 -7.10
C LEU D 145 22.96 -7.77 -7.13
N PRO D 146 23.44 -7.39 -8.33
CA PRO D 146 24.39 -6.27 -8.38
C PRO D 146 23.75 -4.90 -8.07
N HIS D 147 24.57 -3.94 -7.63
CA HIS D 147 24.07 -2.58 -7.44
C HIS D 147 25.23 -1.60 -7.52
N GLY D 148 24.93 -0.31 -7.31
CA GLY D 148 25.92 0.73 -7.49
C GLY D 148 26.28 1.51 -6.25
N LEU D 149 26.21 0.89 -5.07
CA LEU D 149 26.62 1.55 -3.84
C LEU D 149 28.03 2.12 -3.97
N GLY D 150 28.18 3.37 -3.60
CA GLY D 150 29.47 4.06 -3.56
C GLY D 150 29.37 5.28 -2.65
N GLU D 151 30.48 5.98 -2.40
CA GLU D 151 30.45 7.10 -1.43
C GLU D 151 29.56 8.25 -1.89
N GLY D 152 29.36 8.35 -3.19
CA GLY D 152 28.51 9.40 -3.73
C GLY D 152 27.14 8.89 -4.11
N GLN D 153 26.86 7.63 -3.80
CA GLN D 153 25.65 6.99 -4.26
C GLN D 153 25.15 6.03 -3.17
N PRO D 154 24.45 6.54 -2.16
CA PRO D 154 23.92 5.63 -1.14
C PRO D 154 22.78 4.77 -1.67
N LEU D 155 22.47 3.69 -0.96
CA LEU D 155 21.33 2.82 -1.29
C LEU D 155 20.14 3.27 -0.49
N ARG D 156 19.02 3.50 -1.16
CA ARG D 156 17.82 3.91 -0.46
C ARG D 156 17.06 2.66 0.00
N LEU D 157 16.83 2.56 1.29
CA LEU D 157 16.04 1.45 1.84
C LEU D 157 14.56 1.84 1.99
N GLY D 158 14.36 3.11 2.32
CA GLY D 158 13.02 3.66 2.49
C GLY D 158 13.11 5.15 2.75
N PRO D 159 11.97 5.79 3.02
CA PRO D 159 12.00 7.23 3.31
C PRO D 159 12.88 7.57 4.51
N GLY D 160 13.94 8.32 4.26
CA GLY D 160 14.87 8.72 5.28
C GLY D 160 15.63 7.54 5.86
N LEU D 161 15.80 6.49 5.07
CA LEU D 161 16.60 5.35 5.47
C LEU D 161 17.52 4.92 4.32
N GLU D 162 18.83 4.94 4.59
CA GLU D 162 19.87 4.75 3.60
C GLU D 162 21.00 3.90 4.13
N VAL D 163 21.66 3.19 3.22
CA VAL D 163 22.95 2.56 3.50
C VAL D 163 24.04 3.36 2.83
N TRP D 164 25.03 3.77 3.62
CA TRP D 164 26.20 4.50 3.12
C TRP D 164 27.46 3.62 2.99
N ALA D 165 28.27 3.90 1.98
CA ALA D 165 29.60 3.32 1.88
C ALA D 165 30.51 4.12 2.79
N THR D 166 31.04 3.47 3.81
CA THR D 166 31.88 4.16 4.79
C THR D 166 33.17 3.36 4.94
N PRO D 167 34.02 3.38 3.92
CA PRO D 167 35.25 2.59 3.94
C PRO D 167 36.19 2.99 5.05
N GLY D 168 37.13 2.09 5.36
CA GLY D 168 38.27 2.45 6.17
C GLY D 168 38.65 1.37 7.14
N HIS D 169 37.78 1.13 8.10
CA HIS D 169 38.09 0.18 9.16
C HIS D 169 38.32 -1.24 8.67
N GLY D 170 37.30 -1.85 8.08
CA GLY D 170 37.38 -3.25 7.66
C GLY D 170 38.01 -3.39 6.28
N GLY D 171 38.11 -2.26 5.59
CA GLY D 171 38.65 -2.22 4.23
C GLY D 171 37.77 -1.30 3.42
N GLN D 172 37.80 -1.45 2.11
CA GLN D 172 37.11 -0.48 1.25
C GLN D 172 35.60 -0.67 1.16
N ARG D 173 35.07 -1.76 1.70
CA ARG D 173 33.66 -2.08 1.48
C ARG D 173 32.79 -2.02 2.73
N ASP D 174 33.28 -1.41 3.82
CA ASP D 174 32.43 -1.22 5.02
C ASP D 174 31.20 -0.37 4.72
N VAL D 175 30.08 -0.66 5.37
CA VAL D 175 28.87 0.14 5.23
C VAL D 175 28.28 0.60 6.56
N SER D 176 27.48 1.65 6.48
CA SER D 176 26.76 2.22 7.62
C SER D 176 25.29 2.41 7.26
N VAL D 177 24.42 2.39 8.26
CA VAL D 177 22.99 2.61 8.06
C VAL D 177 22.59 3.98 8.69
N VAL D 178 21.93 4.82 7.89
CA VAL D 178 21.57 6.16 8.32
C VAL D 178 20.05 6.25 8.42
N VAL D 179 19.55 6.62 9.61
CA VAL D 179 18.12 6.61 9.91
C VAL D 179 17.67 8.02 10.29
N ALA D 180 17.06 8.68 9.34
CA ALA D 180 16.55 10.02 9.54
C ALA D 180 15.18 10.01 10.24
N GLY D 181 14.86 11.12 10.88
CA GLY D 181 13.49 11.33 11.32
C GLY D 181 13.08 10.67 12.61
N THR D 182 14.04 10.31 13.45
CA THR D 182 13.70 9.77 14.77
C THR D 182 13.48 10.92 15.73
N ALA D 183 13.11 10.57 16.95
CA ALA D 183 12.84 11.57 17.96
C ALA D 183 14.09 12.33 18.36
N LEU D 184 15.25 11.73 18.14
CA LEU D 184 16.52 12.37 18.45
C LEU D 184 17.22 12.93 17.21
N GLY D 185 16.53 12.90 16.07
CA GLY D 185 17.12 13.32 14.82
C GLY D 185 17.67 12.15 14.01
N THR D 186 18.86 12.32 13.42
CA THR D 186 19.44 11.27 12.58
C THR D 186 20.36 10.34 13.36
N VAL D 187 20.04 9.05 13.32
CA VAL D 187 20.87 8.04 13.94
C VAL D 187 21.71 7.34 12.87
N VAL D 188 23.01 7.31 13.07
CA VAL D 188 23.91 6.52 12.22
C VAL D 188 24.42 5.29 12.94
N VAL D 189 24.13 4.13 12.38
CA VAL D 189 24.66 2.85 12.87
C VAL D 189 25.93 2.61 12.08
N ALA D 190 27.08 2.79 12.72
CA ALA D 190 28.33 3.06 12.02
C ALA D 190 29.30 1.87 11.97
N GLY D 191 28.94 0.74 12.54
CA GLY D 191 29.91 -0.34 12.62
C GLY D 191 31.12 0.17 13.41
N ASP D 192 32.31 -0.20 12.96
CA ASP D 192 33.53 0.17 13.66
C ASP D 192 34.17 1.42 13.06
N VAL D 193 33.42 2.18 12.25
CA VAL D 193 33.91 3.48 11.81
C VAL D 193 34.23 4.32 13.05
N PHE D 194 33.36 4.22 14.04
CA PHE D 194 33.69 4.69 15.40
C PHE D 194 33.75 3.48 16.30
N GLU D 195 34.82 3.40 17.05
CA GLU D 195 35.01 2.36 18.06
C GLU D 195 34.08 2.58 19.26
N ARG D 196 34.07 3.81 19.72
CA ARG D 196 33.33 4.24 20.91
C ARG D 196 33.44 5.77 21.02
N ASP D 197 32.61 6.36 21.89
CA ASP D 197 32.78 7.75 22.28
C ASP D 197 34.19 7.92 22.86
N GLY D 198 34.90 8.96 22.45
CA GLY D 198 36.25 9.22 22.94
C GLY D 198 37.34 8.28 22.45
N ASP D 199 37.20 7.80 21.21
CA ASP D 199 38.17 6.89 20.63
C ASP D 199 39.21 7.65 19.81
N GLU D 200 39.25 8.97 19.98
CA GLU D 200 40.10 9.84 19.17
C GLU D 200 41.54 9.31 18.99
N ASP D 201 42.07 8.67 20.02
CA ASP D 201 43.47 8.24 19.98
C ASP D 201 43.66 6.73 19.87
N SER D 202 42.58 5.97 19.65
CA SER D 202 42.68 4.51 19.68
C SER D 202 42.23 3.82 18.39
N TRP D 203 41.45 4.51 17.56
CA TRP D 203 40.81 3.83 16.43
C TRP D 203 41.78 3.54 15.29
N GLN D 204 42.80 4.38 15.15
CA GLN D 204 43.74 4.26 14.03
C GLN D 204 44.47 2.92 14.01
N ALA D 205 44.88 2.42 15.18
CA ALA D 205 45.63 1.18 15.26
C ALA D 205 44.80 -0.02 14.78
N LEU D 206 43.48 0.12 14.85
CA LEU D 206 42.56 -0.96 14.51
C LEU D 206 42.13 -0.90 13.05
N SER D 207 42.56 0.16 12.37
CA SER D 207 42.04 0.53 11.05
C SER D 207 42.88 -0.03 9.93
N GLU D 208 42.21 -0.61 8.94
CA GLU D 208 42.86 -1.05 7.72
C GLU D 208 43.37 0.14 6.90
N ASP D 209 42.57 1.19 6.81
CA ASP D 209 42.87 2.35 5.95
C ASP D 209 42.50 3.63 6.70
N PRO D 210 43.40 4.15 7.54
CA PRO D 210 43.06 5.31 8.39
C PRO D 210 42.60 6.55 7.63
N ALA D 211 43.20 6.83 6.47
CA ALA D 211 42.83 7.98 5.66
C ALA D 211 41.37 7.88 5.21
N ALA D 212 40.98 6.71 4.72
CA ALA D 212 39.60 6.47 4.33
C ALA D 212 38.69 6.53 5.55
N GLN D 213 39.10 5.92 6.64
CA GLN D 213 38.25 5.89 7.83
C GLN D 213 38.03 7.32 8.35
N GLU D 214 39.05 8.16 8.25
CA GLU D 214 38.90 9.54 8.69
C GLU D 214 37.87 10.29 7.86
N ARG D 215 37.89 10.08 6.54
CA ARG D 215 36.90 10.67 5.65
C ARG D 215 35.49 10.22 6.03
N SER D 216 35.35 8.93 6.30
CA SER D 216 34.07 8.34 6.71
C SER D 216 33.57 8.92 8.06
N ARG D 217 34.47 9.01 9.02
CA ARG D 217 34.13 9.58 10.34
C ARG D 217 33.64 11.02 10.19
N LYS D 218 34.33 11.82 9.37
CA LYS D 218 33.91 13.21 9.16
C LYS D 218 32.55 13.30 8.48
N ARG D 219 32.34 12.43 7.50
CA ARG D 219 31.09 12.35 6.76
C ARG D 219 29.90 12.01 7.68
N VAL D 220 30.12 11.06 8.58
CA VAL D 220 29.09 10.64 9.54
C VAL D 220 28.75 11.75 10.53
N LEU D 221 29.77 12.47 10.98
CA LEU D 221 29.56 13.47 12.01
C LEU D 221 28.85 14.72 11.46
N VAL D 222 28.83 14.88 10.14
CA VAL D 222 28.10 16.00 9.56
C VAL D 222 26.59 15.79 9.68
N VAL D 223 26.14 14.53 9.58
CA VAL D 223 24.71 14.24 9.52
C VAL D 223 24.17 13.72 10.84
N ALA D 224 25.00 13.05 11.63
CA ALA D 224 24.48 12.31 12.78
C ALA D 224 24.16 13.20 13.97
N ASP D 225 23.01 12.94 14.57
CA ASP D 225 22.72 13.40 15.92
C ASP D 225 23.05 12.35 16.98
N VAL D 226 22.99 11.08 16.59
CA VAL D 226 23.38 9.97 17.44
C VAL D 226 24.20 8.99 16.62
N VAL D 227 25.29 8.50 17.19
CA VAL D 227 26.11 7.48 16.57
C VAL D 227 26.06 6.22 17.41
N VAL D 228 25.78 5.09 16.77
CA VAL D 228 25.91 3.78 17.43
C VAL D 228 27.22 3.15 16.95
N PRO D 229 28.26 3.19 17.80
CA PRO D 229 29.59 2.71 17.41
C PRO D 229 29.67 1.21 17.62
N GLY D 230 30.74 0.59 17.16
CA GLY D 230 30.76 -0.84 17.11
C GLY D 230 31.06 -1.46 18.47
N HIS D 231 31.80 -0.74 19.30
CA HIS D 231 32.33 -1.28 20.57
C HIS D 231 32.17 -0.38 21.74
N GLY D 232 31.03 0.29 21.78
CA GLY D 232 30.65 1.04 22.95
C GLY D 232 29.21 1.52 22.90
N PRO D 233 28.75 2.16 23.99
CA PRO D 233 27.40 2.71 23.96
C PRO D 233 27.22 3.81 22.91
N PRO D 234 25.98 3.99 22.47
CA PRO D 234 25.68 5.10 21.56
C PRO D 234 26.01 6.42 22.18
N PHE D 235 26.33 7.40 21.34
CA PHE D 235 26.56 8.73 21.86
C PHE D 235 25.90 9.78 21.02
N ARG D 236 25.57 10.88 21.66
CA ARG D 236 25.01 12.04 20.97
C ARG D 236 26.12 12.91 20.39
N VAL D 237 25.85 13.51 19.23
CA VAL D 237 26.74 14.49 18.63
C VAL D 237 26.10 15.88 18.76
N LEU D 238 26.81 16.82 19.39
CA LEU D 238 26.26 18.15 19.66
C LEU D 238 26.81 19.24 18.74
N ARG D 239 25.94 20.20 18.40
CA ARG D 239 26.33 21.34 17.58
C ARG D 239 25.90 22.66 18.23
#